data_9FX2
#
_entry.id   9FX2
#
_cell.length_a   1.00
_cell.length_b   1.00
_cell.length_c   1.00
_cell.angle_alpha   90.00
_cell.angle_beta   90.00
_cell.angle_gamma   90.00
#
_symmetry.space_group_name_H-M   'P 1'
#
loop_
_entity.id
_entity.type
_entity.pdbx_description
1 polymer 'CD109 antigen'
2 non-polymer 2-acetamido-2-deoxy-beta-D-glucopyranose
#
_entity_poly.entity_id   1
_entity_poly.type   'polypeptide(L)'
_entity_poly.pdbx_seq_one_letter_code
;SGSVAPGPRFLVTAPGIIRPGGNVTIGVELLEHCPSQVTVKAELLKTASNLTVSVLEAEGVFEKGSFKTLTLPSLPLNSA
DEIYELRVTGRTQDEILFSNSTRLSFETKRISVFIQTDKALYKPKQEVKFRIVTLFSDFKPYKTSLNILIKDPKSNLIQQ
WLSQQSDLGVISKTFQLSSHPILGDWSIQVQVNDQTYYQSFQVSEYVLPKFEVTLQTPLYCSMNSKHLNGTITAKYTYGK
PVKGDVTLTFLPLSFWGKKKNITKTFKINGSANFSFNDEEMKNVMDSSNGLSEYLDLSSPGPVEILTTVTESVTGISRNV
STNVFFKQHDYIIEFFDYTTVLKPSLNFTATVKVTRADGNQLTLEERRNNVVITVTQRNYTEYWSGSNSGNQKMEAVQKI
NYTVPQSGTFKIEFPILEDSSELQLKAYFLGSKSSMAVHSLFKSPSKTYIQLKTRDENIKVGSPFELVVSGNKRLKELSY
MVVSRGQLVAVGKQNSTMFSLTPENSWTPKACVIVYYIEDDGEIISDVLKIPVQLVFKNKIKLYWSKVKAEPSEKVSLRI
SVTQPDSIVGIVAVDKSVNLMNASNDITMENVVHELELYNTGYYLGMFMNSFAVFQECGLWVLTDANLTKDYIDGVYDNA
EYAERENLYFQGHIVDIHDFSLGSSPHVRKHFPETWIWLDTNMGYRIYQEFEVTVPDSITSWVATGFVISEDLGLGLTTT
PVELQAFQPFFIFLNLPYSVIRGEEFALEITIFNYLKDATEVKVIIEKSDKFDILMTSNEINATGHQQTLLVPSEDGATV
LFPIRPTHLGEIPITVTALSPTASDAVTQMILVKAEGIEKSYSQSILLDLTDNRLQSTLKTLSFSFPPNTVTGSERVQIT
AIGDVLGPSINGLASLIRMPYGCGEQNMINFAPNIYILDYLTKKKQLTDNLKEKALSFMRQGYQRELLYQREDGSFSAFG
NYDPSGSTWLSAFVLRCFLEADPYIDIDQNVLHRTYTWLKGHQKSNGEFWDPGRVIHSELQGGNKSPVTLTAYIVTSLLG
YRKYQPNIDVQESIHFLESEFSRGISDNYTLALITYALSSVGSPKAKEALNMLTWRAEQEGGMQFWVSSESKLSDSWQPR
SLDIEVAAYALLSHFLQFQTSEGIPIMRWLSRQRNSLGGFASTQDTTVALKALSEFAALMNTERTNIQVTVTGPSSPSPV
KFLIDTHNRLLLQTAELAVVQPTAVNISANGFGFAICQLNVVYNVKASGSSRR
;
_entity_poly.pdbx_strand_id   A
#
loop_
_chem_comp.id
_chem_comp.type
_chem_comp.name
_chem_comp.formula
NAG D-saccharide, beta linking 2-acetamido-2-deoxy-beta-D-glucopyranose 'C8 H15 N O6'
#
# COMPACT_ATOMS: atom_id res chain seq x y z
N ALA A 5 -10.28 -0.69 57.50
CA ALA A 5 -10.99 0.58 57.57
C ALA A 5 -11.54 0.95 56.18
N PRO A 6 -12.58 1.78 56.12
CA PRO A 6 -13.13 2.14 54.81
C PRO A 6 -12.28 3.19 54.11
N GLY A 7 -12.18 3.05 52.79
CA GLY A 7 -11.43 3.95 51.97
C GLY A 7 -10.71 3.23 50.84
N PRO A 8 -9.94 3.97 50.04
CA PRO A 8 -9.19 3.32 48.96
C PRO A 8 -8.14 2.37 49.49
N ARG A 9 -7.95 1.26 48.76
CA ARG A 9 -7.04 0.19 49.13
C ARG A 9 -5.93 -0.04 48.11
N PHE A 10 -6.25 -0.03 46.83
CA PHE A 10 -5.30 -0.42 45.80
C PHE A 10 -5.71 0.18 44.47
N LEU A 11 -4.77 0.14 43.52
CA LEU A 11 -5.05 0.55 42.15
C LEU A 11 -4.01 -0.11 41.26
N VAL A 12 -4.46 -0.95 40.34
CA VAL A 12 -3.59 -1.67 39.42
C VAL A 12 -4.03 -1.37 38.00
N THR A 13 -3.06 -1.01 37.16
CA THR A 13 -3.31 -0.64 35.76
C THR A 13 -2.49 -1.56 34.86
N ALA A 14 -3.04 -1.85 33.68
CA ALA A 14 -2.38 -2.68 32.69
C ALA A 14 -2.67 -2.13 31.29
N PRO A 15 -1.83 -2.40 30.30
CA PRO A 15 -2.20 -2.02 28.93
C PRO A 15 -3.17 -3.02 28.35
N GLY A 16 -4.08 -2.52 27.52
CA GLY A 16 -5.13 -3.35 26.95
C GLY A 16 -4.73 -4.19 25.77
N ILE A 17 -3.48 -4.12 25.31
CA ILE A 17 -3.03 -4.80 24.12
C ILE A 17 -2.02 -5.89 24.50
N ILE A 18 -1.79 -6.80 23.56
CA ILE A 18 -0.74 -7.81 23.65
C ILE A 18 0.03 -7.78 22.34
N ARG A 19 1.35 -7.80 22.43
CA ARG A 19 2.24 -7.72 21.28
C ARG A 19 3.30 -8.81 21.43
N PRO A 20 3.55 -9.64 20.41
CA PRO A 20 4.65 -10.61 20.54
C PRO A 20 5.99 -9.88 20.64
N GLY A 21 6.82 -10.32 21.57
CA GLY A 21 8.04 -9.63 21.89
C GLY A 21 7.85 -8.38 22.72
N GLY A 22 6.63 -8.07 23.14
CA GLY A 22 6.34 -6.92 23.97
C GLY A 22 6.16 -7.36 25.42
N ASN A 23 6.84 -6.67 26.31
CA ASN A 23 6.84 -7.02 27.73
C ASN A 23 5.57 -6.47 28.36
N VAL A 24 4.69 -7.36 28.80
CA VAL A 24 3.41 -6.96 29.39
C VAL A 24 3.71 -6.51 30.82
N THR A 25 3.85 -5.20 31.01
CA THR A 25 4.18 -4.61 32.29
C THR A 25 2.92 -3.96 32.86
N ILE A 26 2.58 -4.32 34.11
CA ILE A 26 1.45 -3.76 34.81
C ILE A 26 1.98 -2.92 35.98
N GLY A 27 1.27 -1.84 36.29
CA GLY A 27 1.62 -0.97 37.40
C GLY A 27 0.71 -1.26 38.57
N VAL A 28 1.28 -1.23 39.78
CA VAL A 28 0.58 -1.52 41.02
C VAL A 28 0.86 -0.40 42.01
N GLU A 29 -0.20 0.05 42.69
CA GLU A 29 -0.09 1.08 43.71
C GLU A 29 -0.98 0.71 44.89
N LEU A 30 -0.41 0.79 46.09
CA LEU A 30 -1.14 0.57 47.34
C LEU A 30 -0.86 1.74 48.26
N LEU A 31 -1.90 2.35 48.82
CA LEU A 31 -1.82 3.71 49.32
C LEU A 31 -1.93 3.81 50.84
N GLU A 32 -3.07 3.42 51.44
CA GLU A 32 -3.27 3.55 52.88
C GLU A 32 -3.84 2.30 53.54
N HIS A 33 -4.81 1.64 52.90
CA HIS A 33 -5.62 0.61 53.54
C HIS A 33 -5.19 -0.81 53.19
N CYS A 34 -4.07 -0.98 52.50
CA CYS A 34 -3.59 -2.31 52.17
C CYS A 34 -2.96 -2.97 53.39
N PRO A 35 -2.79 -4.31 53.38
CA PRO A 35 -1.94 -4.94 54.39
C PRO A 35 -0.47 -4.60 54.19
N SER A 36 0.40 -5.13 55.05
CA SER A 36 1.82 -4.80 54.97
C SER A 36 2.44 -5.29 53.66
N GLN A 37 2.13 -6.53 53.27
CA GLN A 37 2.68 -7.14 52.06
C GLN A 37 1.54 -7.70 51.23
N VAL A 38 1.60 -7.48 49.92
CA VAL A 38 0.59 -7.97 48.99
C VAL A 38 1.31 -8.63 47.82
N THR A 39 0.94 -9.87 47.52
CA THR A 39 1.51 -10.62 46.40
C THR A 39 0.57 -10.54 45.21
N VAL A 40 1.06 -9.97 44.11
CA VAL A 40 0.30 -9.81 42.88
C VAL A 40 0.83 -10.83 41.88
N LYS A 41 -0.07 -11.61 41.29
CA LYS A 41 0.25 -12.60 40.28
C LYS A 41 -0.44 -12.23 38.98
N ALA A 42 0.33 -12.22 37.90
CA ALA A 42 -0.16 -11.96 36.56
C ALA A 42 -0.04 -13.23 35.73
N GLU A 43 -1.12 -13.58 35.04
CA GLU A 43 -1.20 -14.79 34.23
C GLU A 43 -1.72 -14.44 32.84
N LEU A 44 -1.13 -15.06 31.83
CA LEU A 44 -1.58 -14.95 30.45
C LEU A 44 -2.18 -16.28 30.02
N LEU A 45 -3.39 -16.22 29.47
CA LEU A 45 -4.17 -17.40 29.09
C LEU A 45 -4.49 -17.32 27.61
N LYS A 46 -4.46 -18.48 26.95
CA LYS A 46 -4.65 -18.59 25.50
C LYS A 46 -5.93 -19.35 25.20
N THR A 47 -7.01 -18.99 25.91
CA THR A 47 -8.29 -19.68 25.80
C THR A 47 -8.82 -19.73 24.38
N ALA A 48 -8.86 -20.92 23.80
CA ALA A 48 -9.39 -21.13 22.45
C ALA A 48 -9.95 -22.54 22.38
N SER A 49 -11.18 -22.66 21.89
CA SER A 49 -11.87 -23.95 21.81
C SER A 49 -12.00 -24.58 23.19
N ASN A 50 -12.28 -23.75 24.19
CA ASN A 50 -12.44 -24.19 25.57
C ASN A 50 -11.17 -24.86 26.11
N LEU A 51 -10.02 -24.33 25.70
CA LEU A 51 -8.69 -24.80 26.14
C LEU A 51 -7.97 -23.60 26.74
N THR A 52 -8.17 -23.38 28.04
CA THR A 52 -7.57 -22.24 28.74
C THR A 52 -6.11 -22.59 29.04
N VAL A 53 -5.26 -22.39 28.04
CA VAL A 53 -3.84 -22.68 28.16
C VAL A 53 -3.16 -21.48 28.81
N SER A 54 -2.70 -21.66 30.04
CA SER A 54 -1.95 -20.61 30.74
C SER A 54 -0.50 -20.64 30.25
N VAL A 55 -0.09 -19.58 29.56
CA VAL A 55 1.19 -19.56 28.86
C VAL A 55 2.26 -18.95 29.76
N LEU A 56 2.08 -17.69 30.13
CA LEU A 56 3.09 -16.90 30.82
C LEU A 56 2.60 -16.51 32.21
N GLU A 57 3.52 -16.50 33.17
CA GLU A 57 3.21 -16.23 34.56
C GLU A 57 4.27 -15.30 35.15
N ALA A 58 3.85 -14.48 36.10
CA ALA A 58 4.77 -13.66 36.88
C ALA A 58 4.14 -13.37 38.22
N GLU A 59 4.99 -13.07 39.21
CA GLU A 59 4.53 -12.81 40.56
C GLU A 59 5.49 -11.86 41.24
N GLY A 60 4.95 -10.97 42.06
CA GLY A 60 5.77 -10.00 42.79
C GLY A 60 5.09 -9.54 44.05
N VAL A 61 5.89 -9.30 45.08
CA VAL A 61 5.42 -8.87 46.40
C VAL A 61 5.71 -7.39 46.54
N PHE A 62 4.71 -6.65 47.03
CA PHE A 62 4.78 -5.19 47.14
C PHE A 62 4.34 -4.75 48.52
N GLU A 63 4.86 -3.60 48.95
CA GLU A 63 4.66 -3.07 50.29
C GLU A 63 3.66 -1.92 50.26
N LYS A 64 3.30 -1.46 51.46
CA LYS A 64 2.38 -0.33 51.58
C LYS A 64 3.05 0.95 51.10
N GLY A 65 2.28 1.78 50.39
CA GLY A 65 2.81 3.03 49.89
C GLY A 65 3.80 2.90 48.76
N SER A 66 3.88 1.74 48.12
CA SER A 66 4.84 1.47 47.05
C SER A 66 4.12 1.47 45.71
N PHE A 67 4.64 2.25 44.77
CA PHE A 67 4.14 2.34 43.40
C PHE A 67 5.20 1.71 42.50
N LYS A 68 4.91 0.50 42.01
CA LYS A 68 5.92 -0.34 41.36
C LYS A 68 5.30 -1.00 40.13
N THR A 69 6.13 -1.79 39.44
CA THR A 69 5.72 -2.52 38.24
C THR A 69 5.97 -4.00 38.42
N LEU A 70 5.07 -4.81 37.85
CA LEU A 70 5.27 -6.24 37.67
C LEU A 70 5.32 -6.51 36.17
N THR A 71 6.42 -7.13 35.72
CA THR A 71 6.69 -7.36 34.31
C THR A 71 6.57 -8.84 34.02
N LEU A 72 5.70 -9.20 33.09
CA LEU A 72 5.59 -10.58 32.64
C LEU A 72 6.74 -10.88 31.67
N PRO A 73 7.11 -12.15 31.50
CA PRO A 73 8.07 -12.48 30.45
C PRO A 73 7.49 -12.19 29.07
N SER A 74 8.38 -11.90 28.13
CA SER A 74 7.95 -11.51 26.79
C SER A 74 7.33 -12.70 26.07
N LEU A 75 6.24 -12.44 25.35
CA LEU A 75 5.65 -13.47 24.50
C LEU A 75 6.58 -13.76 23.32
N PRO A 76 6.73 -15.02 22.91
CA PRO A 76 7.57 -15.29 21.74
C PRO A 76 6.95 -14.75 20.46
N LEU A 77 7.81 -14.41 19.50
CA LEU A 77 7.37 -13.83 18.25
C LEU A 77 6.66 -14.83 17.34
N ASN A 78 6.76 -16.14 17.63
CA ASN A 78 6.09 -17.14 16.81
C ASN A 78 4.58 -17.17 17.03
N SER A 79 4.05 -16.47 18.03
CA SER A 79 2.63 -16.52 18.31
C SER A 79 1.83 -15.86 17.19
N ALA A 80 0.55 -16.21 17.11
CA ALA A 80 -0.36 -15.71 16.09
C ALA A 80 -1.59 -15.10 16.74
N ASP A 81 -2.60 -14.77 15.93
CA ASP A 81 -3.82 -14.15 16.44
C ASP A 81 -4.58 -15.23 17.20
N GLU A 82 -4.49 -15.17 18.52
CA GLU A 82 -5.23 -16.05 19.42
C GLU A 82 -5.91 -15.21 20.49
N ILE A 83 -7.03 -15.72 21.00
CA ILE A 83 -7.78 -15.02 22.03
C ILE A 83 -6.96 -15.06 23.31
N TYR A 84 -6.43 -13.91 23.72
CA TYR A 84 -5.53 -13.80 24.85
C TYR A 84 -6.23 -13.08 26.00
N GLU A 85 -6.09 -13.64 27.20
CA GLU A 85 -6.70 -13.10 28.41
C GLU A 85 -5.62 -12.86 29.46
N LEU A 86 -5.64 -11.67 30.05
CA LEU A 86 -4.75 -11.33 31.15
C LEU A 86 -5.54 -11.39 32.45
N ARG A 87 -5.03 -12.16 33.40
CA ARG A 87 -5.62 -12.30 34.73
C ARG A 87 -4.66 -11.70 35.75
N VAL A 88 -5.18 -10.82 36.60
CA VAL A 88 -4.44 -10.21 37.69
C VAL A 88 -5.10 -10.61 38.99
N THR A 89 -4.30 -11.14 39.93
CA THR A 89 -4.80 -11.61 41.22
C THR A 89 -3.87 -11.09 42.31
N GLY A 90 -4.39 -10.17 43.13
CA GLY A 90 -3.68 -9.68 44.29
C GLY A 90 -4.19 -10.39 45.54
N ARG A 91 -3.25 -10.86 46.35
CA ARG A 91 -3.54 -11.67 47.53
C ARG A 91 -2.77 -11.12 48.71
N THR A 92 -3.32 -11.34 49.90
CA THR A 92 -2.62 -11.07 51.15
C THR A 92 -1.85 -12.32 51.57
N GLN A 93 -1.19 -12.26 52.71
CA GLN A 93 -0.47 -13.42 53.22
C GLN A 93 -1.41 -14.53 53.67
N ASP A 94 -2.68 -14.22 53.95
CA ASP A 94 -3.65 -15.19 54.44
C ASP A 94 -5.02 -15.10 53.76
N GLU A 95 -5.26 -14.12 52.90
CA GLU A 95 -6.57 -13.95 52.28
C GLU A 95 -6.39 -13.28 50.92
N ILE A 96 -7.39 -13.48 50.07
CA ILE A 96 -7.41 -12.80 48.77
C ILE A 96 -7.77 -11.34 48.96
N LEU A 97 -7.29 -10.51 48.04
CA LEU A 97 -7.65 -9.09 47.96
C LEU A 97 -8.50 -8.79 46.73
N PHE A 98 -8.04 -9.21 45.55
CA PHE A 98 -8.85 -9.07 44.35
C PHE A 98 -8.36 -10.05 43.30
N SER A 99 -9.22 -10.32 42.32
CA SER A 99 -8.88 -11.22 41.23
C SER A 99 -9.82 -10.95 40.07
N ASN A 100 -9.26 -10.61 38.91
CA ASN A 100 -10.09 -10.33 37.74
C ASN A 100 -9.27 -10.59 36.49
N SER A 101 -9.96 -10.94 35.41
CA SER A 101 -9.35 -11.21 34.11
C SER A 101 -10.10 -10.47 33.02
N THR A 102 -9.37 -10.13 31.96
CA THR A 102 -9.94 -9.39 30.83
C THR A 102 -9.27 -9.84 29.55
N ARG A 103 -9.89 -9.48 28.42
CA ARG A 103 -9.35 -9.75 27.10
C ARG A 103 -8.24 -8.75 26.77
N LEU A 104 -7.35 -9.15 25.85
CA LEU A 104 -6.31 -8.28 25.33
C LEU A 104 -6.37 -8.29 23.81
N SER A 105 -6.33 -7.10 23.21
CA SER A 105 -6.33 -6.98 21.76
C SER A 105 -4.95 -7.32 21.21
N PHE A 106 -4.93 -8.06 20.11
CA PHE A 106 -3.69 -8.54 19.51
C PHE A 106 -3.21 -7.57 18.43
N GLU A 107 -1.91 -7.28 18.47
CA GLU A 107 -1.25 -6.46 17.45
C GLU A 107 -0.30 -7.35 16.65
N THR A 108 -0.44 -7.32 15.33
CA THR A 108 0.38 -8.14 14.46
C THR A 108 1.79 -7.60 14.29
N LYS A 109 2.02 -6.31 14.52
CA LYS A 109 3.34 -5.72 14.36
C LYS A 109 4.17 -6.00 15.60
N ARG A 110 5.32 -6.64 15.41
CA ARG A 110 6.18 -7.06 16.51
C ARG A 110 7.63 -6.63 16.31
N ILE A 111 8.07 -6.50 15.06
CA ILE A 111 9.42 -6.08 14.72
C ILE A 111 9.37 -5.07 13.59
N SER A 112 10.46 -4.34 13.43
CA SER A 112 10.60 -3.34 12.37
C SER A 112 11.37 -3.95 11.21
N VAL A 113 10.88 -3.72 9.99
CA VAL A 113 11.54 -4.18 8.78
C VAL A 113 11.61 -3.01 7.81
N PHE A 114 12.83 -2.63 7.44
CA PHE A 114 13.08 -1.57 6.47
C PHE A 114 13.63 -2.18 5.18
N ILE A 115 13.08 -1.74 4.05
CA ILE A 115 13.56 -2.13 2.72
C ILE A 115 14.14 -0.86 2.11
N GLN A 116 15.45 -0.84 1.92
CA GLN A 116 16.18 0.34 1.45
C GLN A 116 16.67 0.05 0.03
N THR A 117 15.96 0.58 -0.96
CA THR A 117 16.41 0.55 -2.35
C THR A 117 17.12 1.85 -2.69
N ASP A 118 18.09 1.75 -3.61
CA ASP A 118 18.90 2.91 -3.95
C ASP A 118 18.08 4.02 -4.60
N LYS A 119 16.99 3.68 -5.27
CA LYS A 119 16.11 4.68 -5.85
C LYS A 119 14.74 4.05 -6.04
N ALA A 120 13.73 4.91 -6.26
CA ALA A 120 12.35 4.48 -6.44
C ALA A 120 11.96 4.31 -7.91
N LEU A 121 12.73 4.84 -8.84
CA LEU A 121 12.48 4.73 -10.27
C LEU A 121 13.66 4.05 -10.94
N TYR A 122 13.38 3.02 -11.73
CA TYR A 122 14.41 2.26 -12.43
C TYR A 122 14.07 2.17 -13.91
N LYS A 123 15.07 2.36 -14.75
CA LYS A 123 14.92 2.09 -16.17
C LYS A 123 14.93 0.57 -16.40
N PRO A 124 14.50 0.12 -17.58
CA PRO A 124 14.75 -1.27 -17.94
C PRO A 124 16.24 -1.56 -18.07
N LYS A 125 16.60 -2.81 -17.78
CA LYS A 125 17.99 -3.26 -17.87
C LYS A 125 18.91 -2.50 -16.91
N GLN A 126 18.37 -2.14 -15.74
CA GLN A 126 19.13 -1.56 -14.64
C GLN A 126 19.16 -2.55 -13.49
N GLU A 127 20.02 -2.26 -12.52
CA GLU A 127 20.26 -3.13 -11.37
C GLU A 127 19.60 -2.53 -10.14
N VAL A 128 18.68 -3.27 -9.55
CA VAL A 128 18.02 -2.86 -8.31
C VAL A 128 18.88 -3.38 -7.16
N LYS A 129 19.60 -2.48 -6.50
CA LYS A 129 20.36 -2.80 -5.30
C LYS A 129 19.51 -2.43 -4.10
N PHE A 130 19.29 -3.39 -3.20
CA PHE A 130 18.46 -3.14 -2.03
C PHE A 130 19.07 -3.78 -0.79
N ARG A 131 18.60 -3.31 0.36
CA ARG A 131 19.03 -3.77 1.66
C ARG A 131 17.81 -4.09 2.51
N ILE A 132 17.82 -5.25 3.15
CA ILE A 132 16.80 -5.65 4.11
C ILE A 132 17.37 -5.47 5.50
N VAL A 133 16.67 -4.70 6.34
CA VAL A 133 17.09 -4.41 7.71
C VAL A 133 15.98 -4.87 8.64
N THR A 134 16.29 -5.84 9.49
CA THR A 134 15.36 -6.36 10.50
C THR A 134 15.83 -5.88 11.86
N LEU A 135 14.92 -5.32 12.65
CA LEU A 135 15.24 -4.75 13.95
C LEU A 135 14.15 -5.07 14.95
N PHE A 136 14.56 -5.21 16.21
CA PHE A 136 13.63 -5.40 17.32
C PHE A 136 12.84 -4.11 17.54
N SER A 137 11.89 -4.16 18.47
CA SER A 137 11.16 -2.95 18.84
C SER A 137 12.11 -1.90 19.42
N ASP A 138 13.09 -2.34 20.22
CA ASP A 138 14.10 -1.45 20.78
C ASP A 138 15.30 -1.23 19.86
N PHE A 139 15.15 -1.50 18.56
CA PHE A 139 16.12 -1.16 17.53
C PHE A 139 17.44 -1.90 17.68
N LYS A 140 17.48 -2.98 18.45
CA LYS A 140 18.62 -3.87 18.40
C LYS A 140 18.57 -4.69 17.10
N PRO A 141 19.70 -5.24 16.65
CA PRO A 141 19.64 -6.14 15.49
C PRO A 141 18.90 -7.41 15.83
N TYR A 142 18.30 -8.01 14.81
CA TYR A 142 17.47 -9.21 14.94
C TYR A 142 17.98 -10.26 13.98
N LYS A 143 18.72 -11.25 14.50
CA LYS A 143 19.22 -12.34 13.68
C LYS A 143 18.09 -13.35 13.48
N THR A 144 17.76 -13.61 12.22
CA THR A 144 16.65 -14.50 11.88
C THR A 144 16.81 -15.01 10.47
N SER A 145 16.08 -16.08 10.16
CA SER A 145 15.96 -16.58 8.81
C SER A 145 14.76 -15.92 8.13
N LEU A 146 14.91 -15.58 6.85
CA LEU A 146 13.87 -14.88 6.13
C LEU A 146 13.93 -15.24 4.66
N ASN A 147 12.83 -14.94 3.97
CA ASN A 147 12.72 -15.13 2.52
C ASN A 147 12.49 -13.78 1.87
N ILE A 148 13.06 -13.61 0.67
CA ILE A 148 12.91 -12.41 -0.13
C ILE A 148 12.29 -12.82 -1.45
N LEU A 149 11.30 -12.04 -1.92
CA LEU A 149 10.54 -12.36 -3.11
C LEU A 149 10.32 -11.08 -3.90
N ILE A 150 10.87 -11.03 -5.13
CA ILE A 150 10.72 -9.88 -6.01
C ILE A 150 9.75 -10.28 -7.11
N LYS A 151 8.64 -9.53 -7.22
CA LYS A 151 7.54 -9.81 -8.13
C LYS A 151 7.25 -8.61 -9.02
N ASP A 152 6.79 -8.91 -10.23
CA ASP A 152 6.38 -7.91 -11.21
C ASP A 152 5.01 -7.36 -10.86
N PRO A 153 4.52 -6.34 -11.57
CA PRO A 153 3.17 -5.83 -11.27
C PRO A 153 2.07 -6.85 -11.44
N LYS A 154 2.23 -7.84 -12.30
CA LYS A 154 1.28 -8.93 -12.44
C LYS A 154 1.49 -10.04 -11.40
N SER A 155 2.30 -9.80 -10.37
CA SER A 155 2.45 -10.68 -9.22
C SER A 155 3.09 -12.02 -9.57
N ASN A 156 3.79 -12.12 -10.70
CA ASN A 156 4.59 -13.30 -10.98
C ASN A 156 5.87 -13.24 -10.16
N LEU A 157 6.14 -14.30 -9.40
CA LEU A 157 7.34 -14.36 -8.58
C LEU A 157 8.54 -14.50 -9.51
N ILE A 158 9.20 -13.38 -9.80
CA ILE A 158 10.27 -13.37 -10.79
C ILE A 158 11.61 -13.73 -10.19
N GLN A 159 11.86 -13.38 -8.92
CA GLN A 159 13.10 -13.79 -8.26
C GLN A 159 12.82 -14.05 -6.78
N GLN A 160 13.63 -14.92 -6.19
CA GLN A 160 13.48 -15.18 -4.77
C GLN A 160 14.79 -15.70 -4.17
N TRP A 161 14.96 -15.42 -2.89
CA TRP A 161 15.97 -16.04 -2.04
C TRP A 161 15.27 -16.62 -0.84
N LEU A 162 15.68 -17.82 -0.43
CA LEU A 162 15.02 -18.57 0.62
C LEU A 162 15.99 -18.84 1.77
N SER A 163 15.50 -18.63 2.99
CA SER A 163 16.24 -18.94 4.22
C SER A 163 17.58 -18.20 4.28
N GLN A 164 17.59 -16.95 3.82
CA GLN A 164 18.76 -16.12 3.99
C GLN A 164 18.97 -15.79 5.45
N GLN A 165 20.24 -15.70 5.86
CA GLN A 165 20.62 -15.43 7.23
C GLN A 165 21.02 -13.97 7.37
N SER A 166 20.45 -13.30 8.37
CA SER A 166 20.71 -11.88 8.62
C SER A 166 21.94 -11.76 9.51
N ASP A 167 23.05 -11.32 8.92
CA ASP A 167 24.27 -11.03 9.68
C ASP A 167 24.14 -9.63 10.24
N LEU A 168 23.84 -9.53 11.54
CA LEU A 168 23.59 -8.25 12.22
C LEU A 168 22.46 -7.48 11.52
N GLY A 169 21.46 -8.20 11.03
CA GLY A 169 20.24 -7.59 10.54
C GLY A 169 20.28 -7.10 9.11
N VAL A 170 21.44 -6.80 8.56
CA VAL A 170 21.56 -6.20 7.23
C VAL A 170 21.79 -7.31 6.22
N ILE A 171 20.96 -7.33 5.18
CA ILE A 171 21.11 -8.23 4.04
C ILE A 171 21.11 -7.38 2.78
N SER A 172 22.28 -7.21 2.17
CA SER A 172 22.44 -6.45 0.94
C SER A 172 22.36 -7.41 -0.25
N LYS A 173 21.48 -7.09 -1.19
CA LYS A 173 21.23 -7.94 -2.36
C LYS A 173 21.06 -7.08 -3.59
N THR A 174 21.14 -7.73 -4.75
CA THR A 174 20.96 -7.08 -6.05
C THR A 174 20.02 -7.93 -6.90
N PHE A 175 19.38 -7.27 -7.85
CA PHE A 175 18.44 -7.91 -8.75
C PHE A 175 18.54 -7.24 -10.12
N GLN A 176 18.91 -8.01 -11.14
CA GLN A 176 19.12 -7.46 -12.47
C GLN A 176 17.80 -7.49 -13.25
N LEU A 177 17.32 -6.32 -13.65
CA LEU A 177 16.09 -6.24 -14.42
C LEU A 177 16.32 -6.73 -15.84
N SER A 178 15.25 -7.24 -16.45
CA SER A 178 15.32 -7.73 -17.81
C SER A 178 15.36 -6.57 -18.80
N SER A 179 15.65 -6.89 -20.06
CA SER A 179 15.70 -5.87 -21.10
C SER A 179 14.33 -5.25 -21.33
N HIS A 180 13.28 -6.07 -21.31
CA HIS A 180 11.91 -5.65 -21.61
C HIS A 180 10.99 -6.17 -20.51
N PRO A 181 11.04 -5.55 -19.31
CA PRO A 181 10.20 -6.01 -18.21
C PRO A 181 8.78 -5.45 -18.26
N ILE A 182 7.95 -5.87 -17.32
CA ILE A 182 6.59 -5.34 -17.21
C ILE A 182 6.67 -4.02 -16.43
N LEU A 183 6.42 -2.92 -17.14
CA LEU A 183 6.51 -1.59 -16.53
C LEU A 183 5.38 -1.41 -15.53
N GLY A 184 5.70 -0.82 -14.39
CA GLY A 184 4.73 -0.60 -13.32
C GLY A 184 5.39 -0.72 -11.98
N ASP A 185 4.58 -0.98 -10.95
CA ASP A 185 5.03 -0.99 -9.57
C ASP A 185 5.46 -2.41 -9.19
N TRP A 186 6.74 -2.72 -9.38
CA TRP A 186 7.28 -3.96 -8.88
C TRP A 186 7.24 -3.97 -7.36
N SER A 187 7.26 -5.16 -6.77
CA SER A 187 7.15 -5.32 -5.33
C SER A 187 8.25 -6.22 -4.79
N ILE A 188 8.78 -5.85 -3.64
CA ILE A 188 9.69 -6.68 -2.85
C ILE A 188 8.95 -7.07 -1.58
N GLN A 189 8.73 -8.37 -1.40
CA GLN A 189 8.06 -8.93 -0.24
C GLN A 189 9.07 -9.72 0.57
N VAL A 190 9.23 -9.35 1.83
CA VAL A 190 10.15 -10.01 2.76
C VAL A 190 9.30 -10.76 3.78
N GLN A 191 9.49 -12.06 3.85
CA GLN A 191 8.77 -12.93 4.79
C GLN A 191 9.71 -13.27 5.93
N VAL A 192 9.33 -12.86 7.15
CA VAL A 192 10.08 -13.16 8.37
C VAL A 192 9.14 -13.87 9.33
N ASN A 193 9.61 -14.99 9.88
CA ASN A 193 8.80 -15.79 10.80
C ASN A 193 7.52 -16.23 10.09
N ASP A 194 6.43 -15.43 10.19
CA ASP A 194 5.22 -15.67 9.43
C ASP A 194 4.56 -14.41 8.89
N GLN A 195 5.21 -13.25 9.01
CA GLN A 195 4.68 -11.97 8.56
C GLN A 195 5.39 -11.54 7.28
N THR A 196 4.67 -10.80 6.46
CA THR A 196 5.16 -10.29 5.17
C THR A 196 5.22 -8.78 5.22
N TYR A 197 6.32 -8.23 4.71
CA TYR A 197 6.55 -6.78 4.65
C TYR A 197 6.87 -6.40 3.21
N TYR A 198 6.18 -5.38 2.71
CA TYR A 198 6.19 -5.02 1.30
C TYR A 198 6.95 -3.72 1.06
N GLN A 199 7.46 -3.59 -0.16
CA GLN A 199 8.06 -2.35 -0.61
C GLN A 199 7.89 -2.27 -2.12
N SER A 200 7.19 -1.24 -2.58
CA SER A 200 6.94 -1.04 -4.01
C SER A 200 8.00 -0.11 -4.60
N PHE A 201 8.47 -0.46 -5.80
CA PHE A 201 9.34 0.42 -6.57
C PHE A 201 8.90 0.41 -8.02
N GLN A 202 8.89 1.59 -8.63
CA GLN A 202 8.35 1.75 -9.97
C GLN A 202 9.41 1.52 -11.03
N VAL A 203 8.99 0.98 -12.17
CA VAL A 203 9.83 0.78 -13.34
C VAL A 203 9.12 1.39 -14.53
N SER A 204 9.79 2.30 -15.23
CA SER A 204 9.18 3.02 -16.34
C SER A 204 10.28 3.53 -17.26
N GLU A 205 9.88 4.09 -18.39
CA GLU A 205 10.79 4.71 -19.35
C GLU A 205 10.82 6.21 -19.16
N TYR A 206 11.87 6.84 -19.69
CA TYR A 206 12.08 8.27 -19.50
C TYR A 206 10.97 9.09 -20.13
N VAL A 207 10.86 9.05 -21.46
CA VAL A 207 9.90 9.86 -22.23
C VAL A 207 9.98 11.32 -21.79
N LEU A 208 11.07 11.99 -22.14
CA LEU A 208 11.28 13.33 -21.60
C LEU A 208 10.48 14.36 -22.39
N PRO A 209 9.79 15.31 -21.76
CA PRO A 209 9.29 16.47 -22.52
C PRO A 209 10.40 17.47 -22.76
N LYS A 210 10.38 18.07 -23.94
CA LYS A 210 11.44 19.03 -24.29
C LYS A 210 11.30 20.36 -23.58
N PHE A 211 10.12 20.67 -23.04
CA PHE A 211 9.92 21.88 -22.25
C PHE A 211 8.97 21.58 -21.10
N GLU A 212 9.11 22.35 -20.04
CA GLU A 212 8.32 22.20 -18.82
C GLU A 212 7.66 23.53 -18.46
N VAL A 213 6.43 23.43 -17.97
CA VAL A 213 5.60 24.59 -17.62
C VAL A 213 5.43 24.62 -16.11
N THR A 214 5.72 25.78 -15.51
CA THR A 214 5.49 26.03 -14.10
C THR A 214 4.50 27.17 -13.95
N LEU A 215 3.47 26.95 -13.12
CA LEU A 215 2.37 27.88 -12.89
C LEU A 215 2.48 28.38 -11.44
N GLN A 216 3.00 29.59 -11.29
CA GLN A 216 3.14 30.23 -9.99
C GLN A 216 1.90 31.07 -9.71
N THR A 217 1.11 30.65 -8.72
CA THR A 217 -0.06 31.39 -8.25
C THR A 217 -0.07 31.39 -6.73
N PRO A 218 -0.74 32.35 -6.09
CA PRO A 218 -0.95 32.23 -4.65
C PRO A 218 -1.89 31.08 -4.34
N LEU A 219 -1.61 30.40 -3.22
CA LEU A 219 -2.44 29.25 -2.85
C LEU A 219 -3.82 29.69 -2.39
N TYR A 220 -3.89 30.76 -1.60
CA TYR A 220 -5.13 31.28 -1.05
C TYR A 220 -5.44 32.64 -1.68
N CYS A 221 -6.73 32.90 -1.90
CA CYS A 221 -7.17 34.11 -2.56
C CYS A 221 -8.48 34.58 -1.92
N SER A 222 -8.74 35.88 -2.07
CA SER A 222 -9.97 36.50 -1.58
C SER A 222 -10.55 37.38 -2.68
N MET A 223 -11.88 37.56 -2.63
CA MET A 223 -12.55 38.32 -3.67
C MET A 223 -12.22 39.81 -3.62
N ASN A 224 -11.87 40.33 -2.44
CA ASN A 224 -11.63 41.77 -2.31
C ASN A 224 -10.42 42.26 -3.10
N SER A 225 -9.49 41.38 -3.46
CA SER A 225 -8.30 41.81 -4.17
C SER A 225 -8.65 42.21 -5.60
N LYS A 226 -8.19 43.39 -6.03
CA LYS A 226 -8.46 43.84 -7.39
C LYS A 226 -7.72 42.98 -8.40
N HIS A 227 -6.42 42.79 -8.20
CA HIS A 227 -5.57 42.05 -9.13
C HIS A 227 -5.21 40.70 -8.51
N LEU A 228 -5.77 39.64 -9.07
CA LEU A 228 -5.36 38.27 -8.75
C LEU A 228 -4.30 37.88 -9.77
N ASN A 229 -3.04 37.90 -9.34
CA ASN A 229 -1.91 37.75 -10.24
C ASN A 229 -1.46 36.30 -10.33
N GLY A 230 -0.75 36.00 -11.41
CA GLY A 230 -0.14 34.70 -11.59
C GLY A 230 0.85 34.74 -12.73
N THR A 231 1.71 33.73 -12.77
CA THR A 231 2.80 33.65 -13.75
C THR A 231 2.83 32.27 -14.37
N ILE A 232 3.06 32.23 -15.68
CA ILE A 232 3.26 31.00 -16.44
C ILE A 232 4.66 31.05 -17.04
N THR A 233 5.48 30.05 -16.72
CA THR A 233 6.87 29.99 -17.17
C THR A 233 7.06 28.66 -17.91
N ALA A 234 7.13 28.73 -19.24
CA ALA A 234 7.42 27.58 -20.08
C ALA A 234 8.90 27.67 -20.47
N LYS A 235 9.70 26.73 -19.95
CA LYS A 235 11.16 26.78 -20.07
C LYS A 235 11.67 25.46 -20.61
N TYR A 236 12.69 25.53 -21.47
CA TYR A 236 13.31 24.33 -22.00
C TYR A 236 14.14 23.66 -20.92
N THR A 237 14.54 22.41 -21.19
CA THR A 237 15.38 21.67 -20.25
C THR A 237 16.78 22.26 -20.12
N TYR A 238 17.21 23.12 -21.06
CA TYR A 238 18.52 23.74 -21.04
C TYR A 238 18.45 25.23 -20.70
N GLY A 239 17.29 25.73 -20.26
CA GLY A 239 17.16 27.08 -19.76
C GLY A 239 16.76 28.13 -20.78
N LYS A 240 16.69 27.78 -22.06
CA LYS A 240 16.27 28.75 -23.06
C LYS A 240 14.77 29.02 -22.93
N PRO A 241 14.31 30.27 -23.04
CA PRO A 241 12.87 30.52 -22.99
C PRO A 241 12.14 29.91 -24.17
N VAL A 242 10.87 29.58 -23.95
CA VAL A 242 10.01 28.94 -24.93
C VAL A 242 9.01 29.97 -25.44
N LYS A 243 8.92 30.11 -26.76
CA LYS A 243 7.90 30.92 -27.40
C LYS A 243 6.73 30.03 -27.80
N GLY A 244 5.52 30.48 -27.49
CA GLY A 244 4.35 29.69 -27.82
C GLY A 244 3.06 30.38 -27.44
N ASP A 245 1.98 29.60 -27.45
CA ASP A 245 0.63 30.07 -27.15
C ASP A 245 0.09 29.32 -25.94
N VAL A 246 -0.49 30.07 -25.01
CA VAL A 246 -1.06 29.55 -23.77
C VAL A 246 -2.57 29.74 -23.79
N THR A 247 -3.28 28.69 -23.38
CA THR A 247 -4.72 28.74 -23.13
C THR A 247 -4.94 28.45 -21.65
N LEU A 248 -5.56 29.39 -20.94
CA LEU A 248 -5.79 29.31 -19.51
C LEU A 248 -7.28 29.11 -19.28
N THR A 249 -7.63 28.00 -18.62
CA THR A 249 -8.99 27.64 -18.28
C THR A 249 -9.14 27.71 -16.77
N PHE A 250 -10.00 28.63 -16.31
CA PHE A 250 -10.31 28.81 -14.91
C PHE A 250 -11.71 28.28 -14.66
N LEU A 251 -11.82 27.27 -13.79
CA LEU A 251 -13.06 26.53 -13.58
C LEU A 251 -13.36 26.43 -12.08
N PRO A 252 -14.52 26.85 -11.60
CA PRO A 252 -14.86 26.54 -10.21
C PRO A 252 -15.07 25.05 -10.01
N LEU A 253 -14.72 24.57 -8.82
CA LEU A 253 -14.91 23.18 -8.44
C LEU A 253 -16.25 22.95 -7.74
N SER A 254 -17.17 23.90 -7.81
CA SER A 254 -18.52 23.67 -7.28
C SER A 254 -19.28 22.76 -8.23
N PHE A 255 -19.16 21.45 -8.03
CA PHE A 255 -19.75 20.47 -8.94
C PHE A 255 -21.27 20.42 -8.86
N TRP A 256 -21.87 21.02 -7.83
CA TRP A 256 -23.33 21.04 -7.75
C TRP A 256 -23.91 21.90 -8.86
N GLY A 257 -23.26 23.01 -9.17
CA GLY A 257 -23.73 23.94 -10.20
C GLY A 257 -23.19 23.59 -11.57
N LYS A 258 -23.05 24.63 -12.38
CA LYS A 258 -22.59 24.46 -13.75
C LYS A 258 -21.07 24.40 -13.82
N LYS A 259 -20.56 23.85 -14.92
CA LYS A 259 -19.14 23.74 -15.19
C LYS A 259 -18.67 24.80 -16.19
N LYS A 260 -19.32 25.96 -16.18
CA LYS A 260 -18.85 27.09 -16.98
C LYS A 260 -17.45 27.50 -16.54
N ASN A 261 -16.62 27.87 -17.52
CA ASN A 261 -15.22 28.20 -17.30
C ASN A 261 -14.85 29.46 -18.05
N ILE A 262 -13.80 30.13 -17.57
CA ILE A 262 -13.24 31.32 -18.19
C ILE A 262 -12.03 30.88 -19.00
N THR A 263 -12.02 31.22 -20.29
CA THR A 263 -10.95 30.89 -21.21
C THR A 263 -10.19 32.14 -21.61
N LYS A 264 -8.87 32.10 -21.52
CA LYS A 264 -7.99 33.19 -21.90
C LYS A 264 -6.86 32.64 -22.75
N THR A 265 -6.84 33.02 -24.03
CA THR A 265 -5.82 32.58 -24.98
C THR A 265 -4.91 33.75 -25.32
N PHE A 266 -3.61 33.57 -25.14
CA PHE A 266 -2.64 34.61 -25.50
C PHE A 266 -1.28 33.95 -25.71
N LYS A 267 -0.24 34.76 -25.84
CA LYS A 267 1.10 34.31 -26.21
C LYS A 267 2.06 34.41 -25.02
N ILE A 268 3.12 33.62 -25.09
CA ILE A 268 4.16 33.56 -24.06
C ILE A 268 5.52 33.53 -24.75
N ASN A 269 6.48 34.23 -24.17
CA ASN A 269 7.90 34.16 -24.55
C ASN A 269 8.68 33.86 -23.28
N GLY A 270 8.83 32.57 -22.98
CA GLY A 270 9.53 32.15 -21.78
C GLY A 270 8.66 32.28 -20.55
N SER A 271 8.37 33.51 -20.16
CA SER A 271 7.51 33.81 -19.01
C SER A 271 6.45 34.83 -19.43
N ALA A 272 5.26 34.70 -18.83
CA ALA A 272 4.20 35.66 -19.05
C ALA A 272 3.36 35.78 -17.79
N ASN A 273 3.08 37.02 -17.40
CA ASN A 273 2.26 37.33 -16.24
C ASN A 273 0.82 37.60 -16.67
N PHE A 274 -0.13 37.07 -15.90
CA PHE A 274 -1.54 37.32 -16.12
C PHE A 274 -2.17 37.81 -14.81
N SER A 275 -3.23 38.59 -14.94
CA SER A 275 -3.96 39.13 -13.82
C SER A 275 -5.46 39.01 -14.08
N PHE A 276 -6.22 38.75 -13.02
CA PHE A 276 -7.66 38.65 -13.08
C PHE A 276 -8.28 39.76 -12.24
N ASN A 277 -9.36 40.35 -12.76
CA ASN A 277 -10.15 41.34 -12.06
C ASN A 277 -11.29 40.64 -11.31
N ASP A 278 -12.12 41.44 -10.64
CA ASP A 278 -13.16 40.89 -9.77
C ASP A 278 -14.38 40.37 -10.55
N GLU A 279 -14.57 40.81 -11.79
CA GLU A 279 -15.78 40.50 -12.54
C GLU A 279 -15.75 39.12 -13.19
N GLU A 280 -14.63 38.39 -13.08
CA GLU A 280 -14.47 37.10 -13.75
C GLU A 280 -14.97 35.92 -12.91
N MET A 281 -14.72 35.94 -11.61
CA MET A 281 -15.12 34.86 -10.71
C MET A 281 -16.43 35.15 -9.98
N LYS A 282 -17.17 36.18 -10.40
CA LYS A 282 -18.54 36.36 -9.91
C LYS A 282 -19.37 35.11 -10.16
N ASN A 283 -19.25 34.53 -11.35
CA ASN A 283 -20.00 33.33 -11.71
C ASN A 283 -19.72 32.16 -10.79
N VAL A 284 -18.58 32.15 -10.09
CA VAL A 284 -18.28 31.08 -9.15
C VAL A 284 -19.34 31.02 -8.06
N MET A 285 -19.79 32.16 -7.56
CA MET A 285 -20.91 32.21 -6.63
C MET A 285 -22.24 32.49 -7.33
N ASP A 286 -22.29 32.35 -8.66
CA ASP A 286 -23.55 32.28 -9.39
C ASP A 286 -23.87 30.89 -9.90
N SER A 287 -22.87 30.02 -10.07
CA SER A 287 -23.12 28.65 -10.47
C SER A 287 -23.90 27.89 -9.41
N SER A 288 -23.53 28.06 -8.14
CA SER A 288 -24.20 27.39 -7.03
C SER A 288 -25.28 28.28 -6.43
N SER A 298 -23.40 29.45 0.25
CA SER A 298 -22.66 29.63 -1.00
C SER A 298 -21.22 30.03 -0.73
N SER A 299 -20.60 29.36 0.24
CA SER A 299 -19.21 29.68 0.56
C SER A 299 -18.29 29.27 -0.60
N PRO A 300 -17.26 30.05 -0.92
CA PRO A 300 -16.43 29.70 -2.07
C PRO A 300 -15.39 28.64 -1.71
N GLY A 301 -15.29 27.63 -2.58
CA GLY A 301 -14.33 26.57 -2.42
C GLY A 301 -13.13 26.75 -3.34
N PRO A 302 -12.30 25.72 -3.47
CA PRO A 302 -11.16 25.82 -4.37
C PRO A 302 -11.59 25.86 -5.84
N VAL A 303 -10.68 26.36 -6.67
CA VAL A 303 -10.91 26.51 -8.11
C VAL A 303 -9.71 25.95 -8.85
N GLU A 304 -9.97 25.34 -10.00
CA GLU A 304 -8.95 24.69 -10.80
C GLU A 304 -8.55 25.61 -11.95
N ILE A 305 -7.26 25.88 -12.06
CA ILE A 305 -6.69 26.66 -13.14
C ILE A 305 -5.77 25.73 -13.94
N LEU A 306 -6.07 25.58 -15.23
CA LEU A 306 -5.31 24.73 -16.13
C LEU A 306 -4.69 25.59 -17.20
N THR A 307 -3.41 25.38 -17.48
CA THR A 307 -2.69 26.06 -18.54
C THR A 307 -2.25 25.02 -19.57
N THR A 308 -2.61 25.26 -20.83
CA THR A 308 -2.23 24.42 -21.96
C THR A 308 -1.31 25.26 -22.84
N VAL A 309 -0.03 24.88 -22.86
CA VAL A 309 1.01 25.61 -23.59
C VAL A 309 1.36 24.79 -24.82
N THR A 310 1.21 25.40 -25.99
CA THR A 310 1.51 24.78 -27.28
C THR A 310 2.55 25.61 -28.00
N GLU A 311 3.63 24.98 -28.42
CA GLU A 311 4.65 25.68 -29.19
C GLU A 311 4.16 25.94 -30.60
N SER A 312 4.50 27.11 -31.14
CA SER A 312 4.06 27.47 -32.48
C SER A 312 4.74 26.63 -33.55
N VAL A 313 6.00 26.25 -33.32
CA VAL A 313 6.78 25.59 -34.38
C VAL A 313 6.62 24.07 -34.34
N THR A 314 6.48 23.47 -33.16
CA THR A 314 6.32 22.03 -33.03
C THR A 314 4.89 21.60 -32.73
N GLY A 315 4.09 22.47 -32.10
CA GLY A 315 2.72 22.12 -31.78
C GLY A 315 2.57 21.17 -30.61
N ILE A 316 3.61 20.97 -29.81
CA ILE A 316 3.54 20.05 -28.69
C ILE A 316 2.80 20.74 -27.54
N SER A 317 1.67 20.15 -27.14
CA SER A 317 0.81 20.71 -26.12
C SER A 317 1.10 20.06 -24.78
N ARG A 318 1.40 20.89 -23.77
CA ARG A 318 1.62 20.45 -22.40
C ARG A 318 0.58 21.11 -21.51
N ASN A 319 -0.08 20.30 -20.67
CA ASN A 319 -1.16 20.74 -19.82
C ASN A 319 -0.73 20.61 -18.36
N VAL A 320 -0.88 21.69 -17.60
CA VAL A 320 -0.54 21.73 -16.17
C VAL A 320 -1.71 22.33 -15.42
N SER A 321 -2.18 21.63 -14.39
CA SER A 321 -3.32 22.04 -13.58
C SER A 321 -2.89 22.34 -12.16
N THR A 322 -3.58 23.30 -11.54
CA THR A 322 -3.34 23.66 -10.16
C THR A 322 -4.66 24.04 -9.51
N ASN A 323 -4.67 24.01 -8.18
CA ASN A 323 -5.85 24.32 -7.37
C ASN A 323 -5.53 25.51 -6.47
N VAL A 324 -6.46 26.46 -6.41
CA VAL A 324 -6.31 27.67 -5.61
C VAL A 324 -7.53 27.78 -4.70
N PHE A 325 -7.28 27.83 -3.39
CA PHE A 325 -8.36 28.00 -2.43
C PHE A 325 -8.84 29.44 -2.39
N PHE A 326 -10.13 29.61 -2.14
CA PHE A 326 -10.77 30.92 -2.01
C PHE A 326 -11.24 31.10 -0.57
N LYS A 327 -10.93 32.26 0.00
CA LYS A 327 -11.29 32.59 1.37
C LYS A 327 -12.32 33.72 1.37
N GLN A 328 -13.33 33.58 2.23
CA GLN A 328 -14.43 34.53 2.30
C GLN A 328 -14.12 35.76 3.15
N HIS A 329 -12.92 35.84 3.74
CA HIS A 329 -12.56 36.86 4.71
C HIS A 329 -11.32 37.61 4.25
N ASP A 330 -11.12 38.79 4.86
CA ASP A 330 -9.92 39.57 4.58
C ASP A 330 -8.67 38.82 5.04
N TYR A 331 -8.74 38.18 6.21
CA TYR A 331 -7.65 37.40 6.76
C TYR A 331 -8.22 36.08 7.27
N ILE A 332 -7.33 35.12 7.54
CA ILE A 332 -7.70 33.79 8.02
C ILE A 332 -7.06 33.59 9.38
N ILE A 333 -7.86 33.11 10.33
CA ILE A 333 -7.49 32.98 11.74
C ILE A 333 -7.64 31.51 12.13
N GLU A 334 -6.65 31.00 12.85
CA GLU A 334 -6.61 29.61 13.27
C GLU A 334 -6.20 29.51 14.73
N PHE A 335 -6.68 28.46 15.39
CA PHE A 335 -6.40 28.19 16.79
C PHE A 335 -5.68 26.84 16.92
N PHE A 336 -4.80 26.75 17.91
CA PHE A 336 -4.18 25.47 18.24
C PHE A 336 -3.76 25.50 19.71
N ASP A 337 -3.27 24.36 20.20
CA ASP A 337 -2.82 24.22 21.58
C ASP A 337 -3.97 24.45 22.56
N TYR A 338 -5.11 23.83 22.27
CA TYR A 338 -6.30 23.89 23.11
C TYR A 338 -6.69 22.48 23.54
N THR A 339 -7.19 22.37 24.76
CA THR A 339 -7.65 21.08 25.28
C THR A 339 -9.01 20.75 24.67
N THR A 340 -9.14 19.53 24.14
CA THR A 340 -10.39 19.09 23.54
C THR A 340 -11.49 18.81 24.56
N VAL A 341 -11.17 18.77 25.85
CA VAL A 341 -12.12 18.49 26.92
C VAL A 341 -12.08 19.65 27.90
N LEU A 342 -13.26 20.11 28.31
CA LEU A 342 -13.35 21.24 29.22
C LEU A 342 -12.88 20.84 30.61
N LYS A 343 -12.07 21.71 31.22
CA LYS A 343 -11.56 21.53 32.58
C LYS A 343 -11.94 22.76 33.39
N PRO A 344 -13.09 22.78 34.08
CA PRO A 344 -13.52 24.01 34.74
C PRO A 344 -12.61 24.42 35.88
N SER A 345 -12.64 25.72 36.19
CA SER A 345 -11.89 26.32 37.29
C SER A 345 -10.38 26.24 37.07
N LEU A 346 -10.01 26.13 35.80
CA LEU A 346 -8.58 25.98 35.41
C LEU A 346 -8.32 26.86 34.19
N ASN A 347 -7.48 27.88 34.35
CA ASN A 347 -7.13 28.81 33.26
C ASN A 347 -7.02 28.04 31.94
N PHE A 348 -7.90 28.36 30.99
CA PHE A 348 -7.75 27.81 29.61
C PHE A 348 -6.71 28.64 28.85
N THR A 349 -5.87 27.95 28.06
CA THR A 349 -4.87 28.62 27.23
C THR A 349 -4.92 28.04 25.83
N ALA A 350 -4.82 28.92 24.84
CA ALA A 350 -4.75 28.53 23.44
C ALA A 350 -3.78 29.46 22.73
N THR A 351 -3.52 29.19 21.45
CA THR A 351 -2.64 30.04 20.64
C THR A 351 -3.32 30.32 19.32
N VAL A 352 -3.33 31.59 18.92
CA VAL A 352 -4.06 32.09 17.77
C VAL A 352 -3.03 32.60 16.76
N LYS A 353 -3.23 32.22 15.49
CA LYS A 353 -2.43 32.70 14.37
C LYS A 353 -3.36 33.34 13.35
N VAL A 354 -3.05 34.58 12.97
CA VAL A 354 -3.79 35.33 11.95
C VAL A 354 -2.83 35.59 10.81
N THR A 355 -3.25 35.27 9.59
CA THR A 355 -2.43 35.50 8.40
C THR A 355 -3.31 36.00 7.26
N ARG A 356 -2.65 36.54 6.24
CA ARG A 356 -3.33 37.28 5.19
C ARG A 356 -3.93 36.33 4.16
N ALA A 357 -4.91 36.86 3.41
CA ALA A 357 -5.60 36.05 2.41
C ALA A 357 -4.66 35.63 1.30
N ASP A 358 -3.79 36.53 0.85
CA ASP A 358 -2.85 36.22 -0.23
C ASP A 358 -1.61 35.46 0.26
N GLY A 359 -1.49 35.20 1.56
CA GLY A 359 -0.35 34.48 2.10
C GLY A 359 0.86 35.34 2.39
N ASN A 360 0.80 36.65 2.13
CA ASN A 360 1.93 37.52 2.38
C ASN A 360 1.99 37.89 3.87
N GLN A 361 3.12 38.48 4.26
CA GLN A 361 3.34 38.83 5.65
C GLN A 361 2.41 39.98 6.05
N LEU A 362 1.89 39.90 7.27
CA LEU A 362 0.99 40.94 7.76
C LEU A 362 1.74 42.24 8.01
N THR A 363 1.05 43.35 7.80
CA THR A 363 1.67 44.67 7.85
C THR A 363 1.70 45.21 9.27
N LEU A 364 2.58 46.20 9.48
CA LEU A 364 2.64 46.89 10.76
C LEU A 364 1.36 47.67 11.05
N GLU A 365 0.65 48.13 10.01
CA GLU A 365 -0.61 48.82 10.23
C GLU A 365 -1.64 47.89 10.86
N GLU A 366 -1.69 46.64 10.42
CA GLU A 366 -2.62 45.67 10.99
C GLU A 366 -2.30 45.35 12.44
N ARG A 367 -1.03 45.50 12.85
CA ARG A 367 -0.68 45.21 14.24
C ARG A 367 -1.30 46.21 15.21
N ARG A 368 -1.57 47.43 14.74
CA ARG A 368 -2.14 48.44 15.62
C ARG A 368 -3.59 48.11 15.97
N ASN A 369 -4.32 47.47 15.05
CA ASN A 369 -5.70 47.11 15.31
C ASN A 369 -5.77 45.94 16.29
N ASN A 370 -6.77 46.00 17.17
CA ASN A 370 -6.97 44.97 18.23
C ASN A 370 -7.87 43.86 17.68
N VAL A 371 -7.61 42.63 18.11
CA VAL A 371 -8.48 41.49 17.84
C VAL A 371 -9.53 41.41 18.94
N VAL A 372 -10.79 41.35 18.55
CA VAL A 372 -11.90 41.20 19.50
C VAL A 372 -12.14 39.72 19.70
N ILE A 373 -11.95 39.24 20.93
CA ILE A 373 -12.12 37.83 21.27
C ILE A 373 -13.28 37.74 22.25
N THR A 374 -14.29 36.95 21.89
CA THR A 374 -15.49 36.76 22.69
C THR A 374 -15.55 35.31 23.16
N VAL A 375 -15.82 35.13 24.45
CA VAL A 375 -15.90 33.81 25.07
C VAL A 375 -17.28 33.66 25.69
N THR A 376 -17.93 32.54 25.40
CA THR A 376 -19.27 32.22 25.90
C THR A 376 -19.18 30.90 26.65
N GLN A 377 -19.36 30.95 27.96
CA GLN A 377 -19.38 29.77 28.82
C GLN A 377 -20.82 29.54 29.24
N ARG A 378 -21.41 28.45 28.77
CA ARG A 378 -22.83 28.15 28.97
C ARG A 378 -23.00 26.82 29.69
N ASN A 379 -23.88 26.80 30.68
CA ASN A 379 -24.16 25.60 31.47
C ASN A 379 -25.28 24.80 30.79
N TYR A 380 -24.93 24.21 29.66
CA TYR A 380 -25.85 23.40 28.87
C TYR A 380 -25.51 21.92 28.99
N LYS A 393 -28.02 26.01 32.49
CA LYS A 393 -29.07 27.03 32.50
C LYS A 393 -28.50 28.41 32.21
N MET A 394 -27.59 28.86 33.07
CA MET A 394 -27.01 30.20 32.95
C MET A 394 -25.83 30.18 31.98
N GLU A 395 -25.57 31.34 31.39
CA GLU A 395 -24.45 31.54 30.48
C GLU A 395 -23.80 32.88 30.77
N ALA A 396 -22.50 32.97 30.47
CA ALA A 396 -21.71 34.18 30.65
C ALA A 396 -20.95 34.46 29.36
N VAL A 397 -21.08 35.69 28.87
CA VAL A 397 -20.42 36.15 27.65
C VAL A 397 -19.48 37.28 28.03
N GLN A 398 -18.22 37.02 27.68
CA GLN A 398 -17.19 37.99 28.04
C GLN A 398 -16.41 38.34 26.77
N LYS A 399 -15.90 39.57 26.73
CA LYS A 399 -15.12 40.05 25.60
C LYS A 399 -13.77 40.47 26.15
N ILE A 400 -12.72 40.23 25.37
CA ILE A 400 -11.36 40.64 25.72
C ILE A 400 -10.69 41.20 24.47
N ASN A 401 -10.07 42.37 24.61
CA ASN A 401 -9.25 42.95 23.55
C ASN A 401 -7.91 42.21 23.56
N TYR A 402 -7.39 41.92 22.36
CA TYR A 402 -6.13 41.19 22.24
C TYR A 402 -5.29 41.75 21.10
N THR A 403 -3.97 41.75 21.28
CA THR A 403 -3.05 42.28 20.27
C THR A 403 -2.54 41.16 19.37
N VAL A 404 -1.67 41.52 18.22
CA VAL A 404 -1.15 40.53 17.29
C VAL A 404 0.30 40.92 16.96
N PRO A 405 1.28 39.99 17.02
CA PRO A 405 2.66 40.38 16.71
C PRO A 405 2.96 40.33 15.21
N GLN A 406 4.20 40.59 14.83
CA GLN A 406 4.58 40.52 13.42
C GLN A 406 4.42 39.10 12.87
N SER A 407 4.81 38.10 13.65
CA SER A 407 4.63 36.72 13.20
C SER A 407 3.17 36.31 13.17
N GLY A 408 2.34 36.91 14.01
CA GLY A 408 0.93 36.62 14.08
C GLY A 408 0.53 35.57 15.11
N THR A 409 1.49 34.78 15.60
CA THR A 409 1.22 33.76 16.61
C THR A 409 1.26 34.41 17.99
N PHE A 410 0.20 34.21 18.77
CA PHE A 410 0.17 34.74 20.13
C PHE A 410 -0.77 33.91 20.99
N LYS A 411 -0.41 33.75 22.26
CA LYS A 411 -1.18 32.96 23.20
C LYS A 411 -2.27 33.81 23.85
N ILE A 412 -3.44 33.18 24.05
CA ILE A 412 -4.56 33.77 24.78
C ILE A 412 -4.85 32.88 25.98
N GLU A 413 -5.06 33.50 27.14
CA GLU A 413 -5.28 32.78 28.38
C GLU A 413 -6.46 33.43 29.11
N PHE A 414 -7.28 32.60 29.76
CA PHE A 414 -8.36 33.13 30.58
C PHE A 414 -8.86 32.04 31.51
N PRO A 415 -9.40 32.39 32.68
CA PRO A 415 -9.98 31.37 33.55
C PRO A 415 -11.34 30.89 33.05
N ILE A 416 -11.71 29.68 33.49
CA ILE A 416 -13.01 29.09 33.20
C ILE A 416 -13.82 29.11 34.49
N LEU A 417 -15.06 29.57 34.41
CA LEU A 417 -15.96 29.46 35.55
C LEU A 417 -16.30 28.00 35.81
N GLU A 418 -16.44 27.66 37.09
CA GLU A 418 -16.63 26.28 37.49
C GLU A 418 -17.95 25.69 36.99
N ASP A 419 -18.97 26.52 36.74
CA ASP A 419 -20.26 26.05 36.28
C ASP A 419 -20.33 25.92 34.76
N SER A 420 -19.25 26.20 34.05
CA SER A 420 -19.25 26.12 32.59
C SER A 420 -19.35 24.67 32.15
N SER A 421 -20.24 24.41 31.19
CA SER A 421 -20.41 23.09 30.58
C SER A 421 -20.03 23.07 29.11
N GLU A 422 -20.12 24.21 28.41
CA GLU A 422 -19.74 24.31 27.02
C GLU A 422 -19.12 25.68 26.79
N LEU A 423 -17.99 25.69 26.07
CA LEU A 423 -17.23 26.89 25.79
C LEU A 423 -17.29 27.16 24.30
N GLN A 424 -17.60 28.40 23.93
CA GLN A 424 -17.55 28.85 22.54
C GLN A 424 -16.65 30.06 22.45
N LEU A 425 -15.62 29.96 21.61
CA LEU A 425 -14.65 31.03 21.40
C LEU A 425 -14.87 31.61 20.01
N LYS A 426 -14.85 32.93 19.90
CA LYS A 426 -14.98 33.65 18.65
C LYS A 426 -13.89 34.71 18.57
N ALA A 427 -13.30 34.87 17.39
CA ALA A 427 -12.26 35.85 17.13
C ALA A 427 -12.67 36.68 15.93
N TYR A 428 -12.55 38.00 16.05
CA TYR A 428 -12.89 38.95 14.99
C TYR A 428 -11.75 39.94 14.83
N PHE A 429 -11.41 40.23 13.57
CA PHE A 429 -10.29 41.12 13.27
C PHE A 429 -10.55 41.75 11.89
N LEU A 430 -11.00 43.00 11.90
CA LEU A 430 -11.21 43.77 10.67
C LEU A 430 -12.16 43.04 9.71
N GLY A 431 -13.21 42.43 10.27
CA GLY A 431 -14.16 41.67 9.49
C GLY A 431 -13.81 40.22 9.28
N SER A 432 -12.58 39.82 9.59
CA SER A 432 -12.18 38.41 9.49
C SER A 432 -12.63 37.68 10.74
N LYS A 433 -13.46 36.65 10.56
CA LYS A 433 -14.12 35.94 11.65
C LYS A 433 -13.63 34.51 11.72
N SER A 434 -13.51 34.00 12.95
CA SER A 434 -13.22 32.60 13.20
C SER A 434 -13.89 32.20 14.51
N SER A 435 -14.11 30.90 14.68
CA SER A 435 -14.80 30.41 15.86
C SER A 435 -14.42 28.96 16.11
N MET A 436 -14.64 28.53 17.35
CA MET A 436 -14.44 27.13 17.74
C MET A 436 -15.28 26.90 18.99
N ALA A 437 -15.45 25.63 19.34
CA ALA A 437 -16.26 25.26 20.49
C ALA A 437 -15.74 23.98 21.11
N VAL A 438 -15.88 23.88 22.44
CA VAL A 438 -15.63 22.67 23.20
C VAL A 438 -16.92 22.33 23.93
N HIS A 439 -17.43 21.11 23.69
CA HIS A 439 -18.61 20.59 24.37
C HIS A 439 -18.29 19.40 25.28
N SER A 440 -17.18 18.71 25.06
CA SER A 440 -16.81 17.58 25.90
C SER A 440 -16.51 18.06 27.32
N LEU A 441 -17.03 17.34 28.31
CA LEU A 441 -16.84 17.69 29.71
C LEU A 441 -16.82 16.41 30.52
N PHE A 442 -16.00 16.39 31.56
CA PHE A 442 -15.91 15.27 32.50
C PHE A 442 -16.35 15.76 33.87
N LYS A 443 -17.19 14.97 34.52
CA LYS A 443 -17.88 15.39 35.75
C LYS A 443 -17.09 14.95 36.97
N SER A 444 -16.76 15.90 37.83
CA SER A 444 -16.13 15.65 39.12
C SER A 444 -17.16 15.97 40.22
N PRO A 445 -17.61 15.01 41.04
CA PRO A 445 -18.56 15.37 42.10
C PRO A 445 -17.99 16.37 43.10
N SER A 446 -16.69 16.34 43.35
CA SER A 446 -16.03 17.31 44.23
C SER A 446 -15.63 18.59 43.50
N LYS A 447 -15.87 18.69 42.19
CA LYS A 447 -15.49 19.86 41.39
C LYS A 447 -13.98 20.10 41.48
N THR A 448 -13.21 19.02 41.51
CA THR A 448 -11.76 19.06 41.55
C THR A 448 -11.20 18.59 40.22
N TYR A 449 -10.34 19.41 39.62
CA TYR A 449 -9.73 19.11 38.33
C TYR A 449 -8.26 19.46 38.40
N ILE A 450 -7.45 18.77 37.59
CA ILE A 450 -6.02 19.01 37.50
C ILE A 450 -5.64 19.08 36.02
N GLN A 451 -4.83 20.08 35.68
CA GLN A 451 -4.37 20.33 34.32
C GLN A 451 -2.88 20.02 34.25
N LEU A 452 -2.50 19.16 33.32
CA LEU A 452 -1.12 18.79 33.07
C LEU A 452 -0.66 19.46 31.77
N LYS A 453 0.49 20.13 31.84
CA LYS A 453 1.00 20.91 30.70
C LYS A 453 2.52 20.78 30.63
N THR A 454 3.05 21.18 29.48
CA THR A 454 4.48 21.18 29.23
C THR A 454 4.89 22.52 28.60
N ARG A 455 6.10 22.96 28.94
CA ARG A 455 6.68 24.16 28.36
C ARG A 455 7.63 23.86 27.20
N ASP A 456 8.14 22.63 27.10
CA ASP A 456 9.08 22.28 26.04
C ASP A 456 8.33 22.09 24.73
N GLU A 457 8.64 22.93 23.75
CA GLU A 457 8.04 22.78 22.43
C GLU A 457 8.63 21.61 21.65
N ASN A 458 9.81 21.13 22.03
CA ASN A 458 10.46 20.01 21.36
C ASN A 458 11.07 19.12 22.44
N ILE A 459 10.62 17.87 22.48
CA ILE A 459 11.05 16.89 23.48
C ILE A 459 11.86 15.83 22.76
N LYS A 460 13.08 15.61 23.23
CA LYS A 460 14.00 14.61 22.66
C LYS A 460 14.20 13.47 23.64
N VAL A 461 14.85 12.42 23.17
CA VAL A 461 15.16 11.26 23.99
C VAL A 461 16.45 11.55 24.74
N GLY A 462 16.40 11.39 26.07
CA GLY A 462 17.55 11.62 26.92
C GLY A 462 17.68 13.02 27.46
N SER A 463 17.09 14.01 26.79
CA SER A 463 17.11 15.38 27.28
C SER A 463 15.95 15.58 28.27
N PRO A 464 16.21 15.95 29.53
CA PRO A 464 15.09 16.11 30.45
C PRO A 464 14.18 17.26 30.06
N PHE A 465 12.89 17.07 30.25
CA PHE A 465 11.87 18.07 29.95
C PHE A 465 10.95 18.24 31.14
N GLU A 466 10.53 19.48 31.37
CA GLU A 466 9.76 19.85 32.55
C GLU A 466 8.27 19.57 32.34
N LEU A 467 7.53 19.55 33.45
CA LEU A 467 6.10 19.29 33.43
C LEU A 467 5.43 20.03 34.58
N VAL A 468 4.28 20.63 34.25
CA VAL A 468 3.50 21.49 35.11
C VAL A 468 2.21 20.75 35.45
N VAL A 469 1.84 20.79 36.73
CA VAL A 469 0.50 20.39 37.18
C VAL A 469 -0.11 21.58 37.89
N SER A 470 -1.35 21.90 37.54
CA SER A 470 -2.11 23.00 38.12
C SER A 470 -3.45 22.48 38.61
N GLY A 471 -3.90 23.00 39.74
CA GLY A 471 -5.12 22.52 40.36
C GLY A 471 -5.81 23.61 41.14
N ASN A 472 -7.14 23.51 41.21
CA ASN A 472 -7.95 24.44 41.99
C ASN A 472 -7.87 24.17 43.49
N LYS A 473 -7.41 23.00 43.91
CA LYS A 473 -7.28 22.61 45.31
C LYS A 473 -5.84 22.24 45.61
N ARG A 474 -5.54 22.11 46.91
CA ARG A 474 -4.23 21.65 47.34
C ARG A 474 -4.04 20.21 46.90
N LEU A 475 -2.85 19.91 46.38
CA LEU A 475 -2.55 18.63 45.76
C LEU A 475 -1.74 17.75 46.71
N LYS A 476 -1.99 16.45 46.64
CA LYS A 476 -1.25 15.46 47.40
C LYS A 476 -0.01 15.05 46.60
N GLU A 477 0.70 14.03 47.08
CA GLU A 477 1.82 13.47 46.33
C GLU A 477 1.27 12.80 45.08
N LEU A 478 1.50 13.41 43.93
CA LEU A 478 0.97 12.88 42.67
C LEU A 478 1.67 11.58 42.32
N SER A 479 0.95 10.72 41.59
CA SER A 479 1.50 9.50 41.01
C SER A 479 1.40 9.62 39.50
N TYR A 480 2.54 9.53 38.82
CA TYR A 480 2.62 9.67 37.37
C TYR A 480 3.02 8.33 36.76
N MET A 481 2.54 8.11 35.54
CA MET A 481 2.86 6.90 34.79
C MET A 481 2.91 7.24 33.32
N VAL A 482 3.91 6.71 32.63
CA VAL A 482 4.19 7.02 31.23
C VAL A 482 3.97 5.77 30.41
N VAL A 483 3.18 5.90 29.34
CA VAL A 483 2.75 4.81 28.48
C VAL A 483 3.13 5.16 27.05
N SER A 484 3.64 4.19 26.30
CA SER A 484 3.99 4.39 24.90
C SER A 484 3.92 3.05 24.18
N ARG A 485 3.51 3.11 22.90
CA ARG A 485 3.34 1.93 22.06
C ARG A 485 2.37 0.92 22.70
N GLY A 486 1.38 1.42 23.42
CA GLY A 486 0.49 0.54 24.16
C GLY A 486 1.20 -0.29 25.21
N GLN A 487 2.27 0.23 25.80
CA GLN A 487 3.01 -0.44 26.86
C GLN A 487 3.33 0.57 27.95
N LEU A 488 3.17 0.15 29.20
CA LEU A 488 3.40 1.03 30.35
C LEU A 488 4.90 1.04 30.64
N VAL A 489 5.59 2.09 30.16
CA VAL A 489 7.04 2.11 30.16
C VAL A 489 7.64 2.81 31.37
N ALA A 490 6.85 3.52 32.18
CA ALA A 490 7.42 4.11 33.38
C ALA A 490 6.34 4.39 34.42
N VAL A 491 6.76 4.42 35.68
CA VAL A 491 5.91 4.80 36.81
C VAL A 491 6.74 5.64 37.78
N GLY A 492 6.04 6.31 38.69
CA GLY A 492 6.71 6.92 39.81
C GLY A 492 5.77 7.86 40.55
N LYS A 493 6.33 8.46 41.61
CA LYS A 493 5.61 9.40 42.46
C LYS A 493 6.38 10.71 42.54
N GLN A 494 5.65 11.82 42.47
CA GLN A 494 6.21 13.17 42.53
C GLN A 494 5.59 13.90 43.71
N ASN A 495 6.44 14.44 44.57
CA ASN A 495 5.97 15.18 45.75
C ASN A 495 5.62 16.63 45.44
N SER A 496 6.20 17.20 44.39
CA SER A 496 6.00 18.61 44.05
C SER A 496 4.97 18.76 42.95
N THR A 497 4.62 20.03 42.67
CA THR A 497 3.77 20.42 41.54
C THR A 497 4.61 20.85 40.36
N MET A 498 5.80 20.27 40.22
CA MET A 498 6.82 20.69 39.26
C MET A 498 7.71 19.47 39.13
N PHE A 499 7.84 18.91 37.92
CA PHE A 499 8.79 17.81 37.81
C PHE A 499 9.28 17.63 36.39
N SER A 500 10.52 17.19 36.29
CA SER A 500 11.18 16.94 35.01
C SER A 500 11.37 15.45 34.82
N LEU A 501 11.17 15.00 33.58
CA LEU A 501 11.30 13.60 33.21
C LEU A 501 12.26 13.47 32.04
N THR A 502 12.95 12.33 31.97
CA THR A 502 13.94 12.04 30.94
C THR A 502 13.38 10.99 29.99
N PRO A 503 12.96 11.34 28.78
CA PRO A 503 12.47 10.30 27.86
C PRO A 503 13.59 9.38 27.41
N GLU A 504 13.21 8.15 27.07
CA GLU A 504 14.09 7.11 26.59
C GLU A 504 13.67 6.69 25.19
N ASN A 505 14.42 5.75 24.59
CA ASN A 505 14.11 5.28 23.26
C ASN A 505 12.74 4.61 23.20
N SER A 506 12.35 3.92 24.26
CA SER A 506 11.07 3.23 24.29
C SER A 506 9.87 4.16 24.33
N TRP A 507 10.07 5.44 24.67
CA TRP A 507 8.95 6.37 24.77
C TRP A 507 8.41 6.80 23.42
N THR A 508 9.22 6.72 22.36
CA THR A 508 8.83 7.26 21.08
C THR A 508 7.71 6.41 20.46
N PRO A 509 6.91 6.98 19.54
CA PRO A 509 6.89 8.37 19.04
C PRO A 509 5.99 9.28 19.87
N LYS A 510 4.94 8.73 20.46
CA LYS A 510 3.97 9.47 21.26
C LYS A 510 3.89 8.83 22.64
N ALA A 511 3.86 9.68 23.67
CA ALA A 511 3.83 9.23 25.06
C ALA A 511 2.64 9.83 25.78
N CYS A 512 1.85 8.98 26.42
CA CYS A 512 0.84 9.42 27.37
C CYS A 512 1.51 9.55 28.73
N VAL A 513 1.51 10.77 29.28
CA VAL A 513 1.88 11.01 30.67
C VAL A 513 0.58 11.19 31.43
N ILE A 514 0.29 10.24 32.33
CA ILE A 514 -0.96 10.21 33.09
C ILE A 514 -0.59 10.47 34.55
N VAL A 515 -1.10 11.58 35.09
CA VAL A 515 -0.88 11.95 36.48
C VAL A 515 -2.20 11.76 37.22
N TYR A 516 -2.12 11.35 38.48
CA TYR A 516 -3.34 11.12 39.25
C TYR A 516 -3.05 11.19 40.74
N TYR A 517 -4.13 11.33 41.50
CA TYR A 517 -4.05 11.24 42.95
C TYR A 517 -5.47 11.02 43.50
N ILE A 518 -5.53 10.49 44.72
CA ILE A 518 -6.78 10.13 45.36
C ILE A 518 -7.22 11.26 46.27
N GLU A 519 -8.49 11.22 46.67
CA GLU A 519 -9.08 12.13 47.63
C GLU A 519 -9.66 11.32 48.79
N ASP A 520 -9.95 12.01 49.89
CA ASP A 520 -10.37 11.34 51.11
C ASP A 520 -11.69 10.61 50.96
N ASP A 521 -12.57 11.06 50.07
CA ASP A 521 -13.85 10.42 49.83
C ASP A 521 -13.78 9.30 48.80
N GLY A 522 -12.57 8.84 48.45
CA GLY A 522 -12.41 7.79 47.47
C GLY A 522 -12.42 8.25 46.03
N GLU A 523 -12.60 9.55 45.78
CA GLU A 523 -12.57 10.06 44.41
C GLU A 523 -11.14 10.04 43.88
N ILE A 524 -10.99 9.60 42.63
CA ILE A 524 -9.69 9.56 41.96
C ILE A 524 -9.69 10.66 40.91
N ILE A 525 -8.70 11.54 40.98
CA ILE A 525 -8.61 12.73 40.14
C ILE A 525 -7.36 12.60 39.29
N SER A 526 -7.52 12.71 37.98
CA SER A 526 -6.48 12.31 37.04
C SER A 526 -6.51 13.21 35.80
N ASP A 527 -5.39 13.19 35.08
CA ASP A 527 -5.26 13.94 33.84
C ASP A 527 -4.22 13.26 32.96
N VAL A 528 -4.37 13.44 31.64
CA VAL A 528 -3.48 12.87 30.65
C VAL A 528 -2.81 13.99 29.88
N LEU A 529 -1.69 13.67 29.23
CA LEU A 529 -1.06 14.55 28.27
C LEU A 529 -0.35 13.69 27.24
N LYS A 530 -0.75 13.82 25.97
CA LYS A 530 -0.12 13.11 24.87
C LYS A 530 0.93 14.01 24.24
N ILE A 531 2.18 13.61 24.33
CA ILE A 531 3.32 14.41 23.85
C ILE A 531 4.04 13.63 22.76
N PRO A 532 4.37 14.23 21.60
CA PRO A 532 5.30 13.55 20.70
C PRO A 532 6.73 13.72 21.17
N VAL A 533 7.52 12.66 21.01
CA VAL A 533 8.90 12.61 21.47
C VAL A 533 9.80 12.46 20.26
N GLN A 534 10.70 13.43 20.08
CA GLN A 534 11.70 13.32 19.03
C GLN A 534 12.72 12.24 19.40
N LEU A 535 13.09 11.43 18.41
CA LEU A 535 13.97 10.29 18.60
C LEU A 535 15.39 10.69 18.21
N VAL A 536 16.36 10.41 19.09
CA VAL A 536 17.78 10.53 18.79
C VAL A 536 18.46 9.25 19.26
N PHE A 537 19.38 8.77 18.42
CA PHE A 537 20.02 7.48 18.63
C PHE A 537 21.33 7.64 19.39
N LYS A 538 21.54 6.74 20.34
CA LYS A 538 22.81 6.71 21.07
C LYS A 538 23.97 6.23 20.21
N ASN A 539 23.69 5.55 19.09
CA ASN A 539 24.69 5.20 18.10
C ASN A 539 24.69 6.25 17.00
N LYS A 540 25.88 6.75 16.65
CA LYS A 540 26.04 7.89 15.78
C LYS A 540 26.97 7.55 14.61
N ILE A 541 26.66 8.12 13.44
CA ILE A 541 27.47 7.98 12.25
C ILE A 541 27.71 9.37 11.68
N LYS A 542 28.94 9.61 11.22
CA LYS A 542 29.30 10.85 10.56
C LYS A 542 30.05 10.54 9.27
N LEU A 543 29.67 11.22 8.19
CA LEU A 543 30.33 11.11 6.90
C LEU A 543 31.01 12.44 6.58
N TYR A 544 32.22 12.36 6.00
CA TYR A 544 32.99 13.52 5.59
C TYR A 544 33.52 13.29 4.19
N TRP A 545 33.36 14.29 3.32
CA TRP A 545 33.97 14.28 2.01
C TRP A 545 35.37 14.88 2.08
N SER A 546 36.26 14.37 1.23
CA SER A 546 37.60 14.94 1.14
C SER A 546 37.54 16.38 0.65
N LYS A 547 36.69 16.66 -0.32
CA LYS A 547 36.47 18.00 -0.85
C LYS A 547 34.98 18.24 -0.96
N VAL A 548 34.56 19.48 -0.65
CA VAL A 548 33.15 19.83 -0.85
C VAL A 548 32.85 19.94 -2.33
N LYS A 549 33.80 20.48 -3.11
CA LYS A 549 33.70 20.58 -4.56
C LYS A 549 34.86 19.80 -5.17
N ALA A 550 34.56 18.97 -6.17
CA ALA A 550 35.55 18.16 -6.85
C ALA A 550 35.26 18.12 -8.33
N GLU A 551 36.30 17.91 -9.12
CA GLU A 551 36.13 17.80 -10.56
C GLU A 551 35.58 16.42 -10.93
N PRO A 552 34.98 16.27 -12.10
CA PRO A 552 34.61 14.92 -12.56
C PRO A 552 35.83 14.04 -12.74
N SER A 553 35.64 12.75 -12.47
CA SER A 553 36.69 11.74 -12.62
C SER A 553 37.90 12.08 -11.75
N GLU A 554 37.61 12.50 -10.51
CA GLU A 554 38.63 12.83 -9.53
C GLU A 554 38.48 11.91 -8.33
N LYS A 555 39.61 11.43 -7.80
CA LYS A 555 39.60 10.50 -6.68
C LYS A 555 39.27 11.27 -5.41
N VAL A 556 38.21 10.85 -4.72
CA VAL A 556 37.72 11.51 -3.51
C VAL A 556 37.60 10.46 -2.42
N SER A 557 38.09 10.79 -1.23
CA SER A 557 38.05 9.90 -0.07
C SER A 557 36.86 10.26 0.80
N LEU A 558 35.98 9.29 1.01
CA LEU A 558 34.85 9.42 1.93
C LEU A 558 35.24 8.79 3.26
N ARG A 559 35.17 9.57 4.33
CA ARG A 559 35.51 9.12 5.68
C ARG A 559 34.24 8.89 6.47
N ILE A 560 34.11 7.69 7.04
CA ILE A 560 32.99 7.34 7.90
C ILE A 560 33.53 7.19 9.32
N SER A 561 32.79 7.73 10.29
CA SER A 561 33.12 7.63 11.70
C SER A 561 31.91 7.09 12.44
N VAL A 562 32.13 6.04 13.23
CA VAL A 562 31.09 5.35 13.97
C VAL A 562 31.49 5.31 15.43
N THR A 563 30.51 5.46 16.33
CA THR A 563 30.80 5.61 17.74
C THR A 563 31.44 4.36 18.33
N GLN A 564 30.92 3.18 17.99
CA GLN A 564 31.31 1.91 18.60
C GLN A 564 31.87 0.98 17.54
N PRO A 565 32.97 0.23 17.82
CA PRO A 565 33.48 -0.70 16.80
C PRO A 565 32.62 -1.94 16.68
N ASP A 566 33.02 -2.86 15.79
CA ASP A 566 32.25 -4.08 15.52
C ASP A 566 30.83 -3.75 15.06
N SER A 567 30.73 -2.74 14.20
CA SER A 567 29.47 -2.27 13.65
C SER A 567 29.44 -2.50 12.15
N ILE A 568 28.24 -2.72 11.63
CA ILE A 568 28.01 -2.90 10.19
C ILE A 568 27.35 -1.65 9.66
N VAL A 569 27.92 -1.08 8.61
CA VAL A 569 27.52 0.22 8.09
C VAL A 569 27.05 0.04 6.66
N GLY A 570 26.07 0.87 6.28
CA GLY A 570 25.60 0.94 4.90
C GLY A 570 25.43 2.37 4.48
N ILE A 571 26.15 2.78 3.43
CA ILE A 571 26.19 4.15 2.96
C ILE A 571 25.65 4.18 1.53
N VAL A 572 24.73 5.11 1.28
CA VAL A 572 24.19 5.35 -0.06
C VAL A 572 24.50 6.79 -0.44
N ALA A 573 25.15 6.96 -1.59
CA ALA A 573 25.45 8.27 -2.16
C ALA A 573 24.79 8.34 -3.52
N VAL A 574 23.82 9.24 -3.65
CA VAL A 574 22.88 9.30 -4.78
C VAL A 574 22.71 10.75 -5.20
N ASP A 575 22.22 10.94 -6.42
CA ASP A 575 21.98 12.29 -6.94
C ASP A 575 20.92 13.01 -6.10
N LYS A 576 20.95 14.34 -6.16
CA LYS A 576 20.05 15.15 -5.36
C LYS A 576 18.62 15.16 -5.88
N SER A 577 18.35 14.62 -7.08
CA SER A 577 16.99 14.57 -7.58
C SER A 577 16.10 13.68 -6.74
N VAL A 578 16.67 12.75 -5.97
CA VAL A 578 15.88 11.94 -5.05
C VAL A 578 15.21 12.83 -4.02
N ASN A 579 15.95 13.78 -3.46
CA ASN A 579 15.35 14.73 -2.52
C ASN A 579 14.33 15.62 -3.21
N LEU A 580 14.55 15.95 -4.48
CA LEU A 580 13.57 16.74 -5.22
C LEU A 580 12.27 15.97 -5.41
N MET A 581 12.35 14.66 -5.59
CA MET A 581 11.14 13.84 -5.66
C MET A 581 10.35 13.90 -4.36
N ASN A 582 11.04 13.98 -3.22
CA ASN A 582 10.38 13.99 -1.91
C ASN A 582 9.62 12.70 -1.65
N ALA A 583 10.05 11.60 -2.26
CA ALA A 583 9.43 10.30 -2.05
C ALA A 583 10.45 9.24 -2.45
N SER A 584 10.94 8.49 -1.47
CA SER A 584 12.02 7.54 -1.71
C SER A 584 11.93 6.40 -0.71
N ASN A 585 12.62 5.31 -1.02
CA ASN A 585 12.64 4.12 -0.19
C ASN A 585 13.80 4.10 0.79
N ASP A 586 14.63 5.14 0.82
CA ASP A 586 15.82 5.12 1.67
C ASP A 586 15.44 5.18 3.14
N ILE A 587 16.34 4.69 3.98
CA ILE A 587 16.16 4.72 5.43
C ILE A 587 16.49 6.12 5.90
N THR A 588 15.47 6.97 6.02
CA THR A 588 15.57 8.33 6.53
C THR A 588 14.94 8.38 7.92
N MET A 589 15.10 9.52 8.58
CA MET A 589 14.44 9.72 9.86
C MET A 589 12.93 9.69 9.73
N GLU A 590 12.39 10.20 8.61
CA GLU A 590 10.95 10.19 8.40
C GLU A 590 10.43 8.76 8.30
N ASN A 591 11.17 7.87 7.64
CA ASN A 591 10.73 6.48 7.53
C ASN A 591 10.72 5.81 8.90
N VAL A 592 11.72 6.10 9.73
CA VAL A 592 11.74 5.54 11.08
C VAL A 592 10.57 6.07 11.90
N VAL A 593 10.27 7.36 11.76
CA VAL A 593 9.13 7.93 12.47
C VAL A 593 7.83 7.30 11.99
N HIS A 594 7.72 7.04 10.70
CA HIS A 594 6.52 6.39 10.17
C HIS A 594 6.39 4.97 10.69
N GLU A 595 7.50 4.24 10.78
CA GLU A 595 7.46 2.91 11.37
C GLU A 595 7.04 2.97 12.84
N LEU A 596 7.55 3.95 13.59
CA LEU A 596 7.19 4.07 14.99
C LEU A 596 5.73 4.45 15.18
N GLU A 597 5.19 5.29 14.30
CA GLU A 597 3.76 5.60 14.39
C GLU A 597 2.91 4.42 13.94
N LEU A 598 3.43 3.57 13.07
CA LEU A 598 2.76 2.32 12.74
C LEU A 598 2.77 1.36 13.92
N TYR A 599 3.81 1.45 14.77
CA TYR A 599 3.81 0.67 16.01
C TYR A 599 2.63 1.05 16.91
N ASN A 600 2.22 2.32 16.88
CA ASN A 600 1.16 2.78 17.76
C ASN A 600 -0.18 2.20 17.33
N THR A 601 -1.18 2.36 18.21
CA THR A 601 -2.50 1.80 18.00
C THR A 601 -3.56 2.77 18.53
N GLY A 602 -4.78 2.63 18.00
CA GLY A 602 -5.87 3.46 18.45
C GLY A 602 -6.39 3.05 19.81
N TYR A 603 -7.06 4.00 20.47
CA TYR A 603 -7.61 3.79 21.79
C TYR A 603 -8.95 3.06 21.71
N TYR A 604 -9.31 2.39 22.81
CA TYR A 604 -10.49 1.54 22.89
C TYR A 604 -11.54 2.17 23.80
N LEU A 605 -12.80 2.08 23.38
CA LEU A 605 -13.91 2.60 24.16
C LEU A 605 -14.46 1.51 25.08
N GLY A 606 -14.82 1.91 26.31
CA GLY A 606 -15.39 1.01 27.29
C GLY A 606 -16.71 1.50 27.85
N MET A 607 -16.77 1.68 29.17
CA MET A 607 -18.02 1.97 29.88
C MET A 607 -18.21 3.46 30.18
N PHE A 608 -17.36 4.33 29.62
CA PHE A 608 -17.61 5.74 29.33
C PHE A 608 -17.47 6.65 30.56
N MET A 609 -17.32 6.13 31.77
CA MET A 609 -17.25 7.01 32.93
C MET A 609 -15.93 7.78 32.91
N ASN A 610 -15.97 9.01 33.45
CA ASN A 610 -14.88 9.97 33.26
C ASN A 610 -13.55 9.46 33.82
N SER A 611 -13.54 8.97 35.07
CA SER A 611 -12.28 8.53 35.66
C SER A 611 -11.72 7.32 34.94
N PHE A 612 -12.59 6.47 34.38
CA PHE A 612 -12.14 5.40 33.50
C PHE A 612 -11.85 5.89 32.09
N ALA A 613 -12.57 6.92 31.62
CA ALA A 613 -12.38 7.41 30.27
C ALA A 613 -11.02 8.08 30.10
N VAL A 614 -10.59 8.84 31.12
CA VAL A 614 -9.28 9.49 31.05
C VAL A 614 -8.16 8.45 31.00
N PHE A 615 -8.37 7.29 31.64
CA PHE A 615 -7.41 6.20 31.51
C PHE A 615 -7.50 5.53 30.15
N GLN A 616 -8.72 5.34 29.64
CA GLN A 616 -8.92 4.69 28.35
C GLN A 616 -8.55 5.58 27.17
N GLU A 617 -8.19 6.85 27.42
CA GLU A 617 -7.80 7.76 26.35
C GLU A 617 -6.69 7.18 25.46
N CYS A 618 -5.77 6.42 26.04
CA CYS A 618 -4.80 5.65 25.26
C CYS A 618 -4.69 4.24 25.84
N GLY A 619 -5.85 3.63 26.10
CA GLY A 619 -5.95 2.20 26.32
C GLY A 619 -5.26 1.65 27.55
N LEU A 620 -5.63 2.15 28.72
CA LEU A 620 -5.17 1.63 30.00
C LEU A 620 -6.36 1.08 30.77
N TRP A 621 -6.28 -0.18 31.18
CA TRP A 621 -7.34 -0.87 31.90
C TRP A 621 -6.99 -0.89 33.38
N VAL A 622 -7.88 -0.37 34.21
CA VAL A 622 -7.62 -0.08 35.62
C VAL A 622 -8.58 -0.85 36.49
N LEU A 623 -8.09 -1.35 37.62
CA LEU A 623 -8.90 -1.98 38.65
C LEU A 623 -8.59 -1.30 39.98
N THR A 624 -9.63 -0.90 40.70
CA THR A 624 -9.47 -0.25 41.99
C THR A 624 -10.80 -0.30 42.72
N ASP A 625 -10.73 -0.10 44.04
CA ASP A 625 -11.92 0.04 44.88
C ASP A 625 -12.30 1.50 45.10
N ALA A 626 -11.60 2.46 44.49
CA ALA A 626 -11.81 3.88 44.75
C ALA A 626 -12.78 4.49 43.73
N ASN A 627 -13.97 3.89 43.67
CA ASN A 627 -15.05 4.41 42.83
C ASN A 627 -16.42 4.30 43.49
N LEU A 628 -16.49 4.03 44.79
CA LEU A 628 -17.77 3.83 45.45
C LEU A 628 -18.42 5.18 45.75
N THR A 629 -19.68 5.32 45.37
CA THR A 629 -20.44 6.55 45.60
C THR A 629 -19.77 7.75 44.93
N HIS A 671 12.84 13.29 -15.28
CA HIS A 671 13.62 13.15 -14.06
C HIS A 671 13.88 11.68 -13.76
N PHE A 672 15.15 11.35 -13.52
CA PHE A 672 15.56 9.98 -13.23
C PHE A 672 16.87 10.00 -12.42
N PRO A 673 16.89 9.58 -11.15
CA PRO A 673 18.14 9.64 -10.41
C PRO A 673 19.10 8.53 -10.80
N GLU A 674 20.37 8.74 -10.44
CA GLU A 674 21.44 7.77 -10.65
C GLU A 674 22.20 7.59 -9.34
N THR A 675 22.65 6.37 -9.10
CA THR A 675 23.31 6.00 -7.85
C THR A 675 24.82 5.94 -8.07
N TRP A 676 25.57 6.56 -7.15
CA TRP A 676 27.03 6.55 -7.20
C TRP A 676 27.61 5.48 -6.28
N ILE A 677 27.28 5.54 -4.99
CA ILE A 677 27.89 4.66 -3.99
C ILE A 677 26.77 3.86 -3.31
N TRP A 678 26.97 2.55 -3.22
CA TRP A 678 26.12 1.62 -2.48
C TRP A 678 26.98 0.81 -1.52
N LEU A 679 27.79 1.50 -0.74
CA LEU A 679 28.77 0.81 0.10
C LEU A 679 28.07 0.09 1.25
N ASP A 680 28.59 -1.10 1.57
CA ASP A 680 28.09 -1.90 2.69
C ASP A 680 29.29 -2.62 3.29
N THR A 681 29.68 -2.22 4.50
CA THR A 681 30.96 -2.65 5.08
C THR A 681 30.73 -3.14 6.50
N ASN A 682 31.29 -4.31 6.81
CA ASN A 682 31.27 -4.86 8.16
C ASN A 682 32.63 -4.55 8.79
N MET A 683 32.70 -3.43 9.52
CA MET A 683 33.94 -3.05 10.18
C MET A 683 34.28 -4.05 11.27
N GLY A 684 35.57 -4.38 11.39
CA GLY A 684 36.02 -5.37 12.33
C GLY A 684 36.46 -4.81 13.66
N TYR A 685 37.33 -3.80 13.62
CA TYR A 685 37.89 -3.21 14.84
C TYR A 685 38.04 -1.69 14.78
N ARG A 686 37.56 -1.03 13.73
CA ARG A 686 37.80 0.39 13.52
C ARG A 686 36.56 1.19 13.88
N ILE A 687 36.76 2.25 14.66
CA ILE A 687 35.69 3.23 14.89
C ILE A 687 35.57 4.22 13.75
N TYR A 688 36.51 4.23 12.80
CA TYR A 688 36.39 5.05 11.60
C TYR A 688 37.14 4.38 10.48
N GLN A 689 36.82 4.78 9.25
CA GLN A 689 37.44 4.22 8.06
C GLN A 689 37.35 5.22 6.92
N GLU A 690 38.13 4.95 5.88
CA GLU A 690 38.22 5.80 4.70
C GLU A 690 38.05 4.93 3.45
N PHE A 691 37.37 5.47 2.44
CA PHE A 691 37.11 4.76 1.20
C PHE A 691 37.39 5.70 0.04
N GLU A 692 38.33 5.32 -0.82
CA GLU A 692 38.66 6.10 -2.00
C GLU A 692 37.75 5.69 -3.14
N VAL A 693 36.96 6.64 -3.64
CA VAL A 693 36.03 6.42 -4.74
C VAL A 693 36.33 7.43 -5.85
N THR A 694 35.66 7.26 -6.98
CA THR A 694 35.84 8.10 -8.16
C THR A 694 34.56 8.87 -8.42
N VAL A 695 34.69 10.16 -8.68
CA VAL A 695 33.52 10.98 -9.04
C VAL A 695 33.09 10.59 -10.45
N PRO A 696 31.80 10.28 -10.70
CA PRO A 696 31.42 9.90 -12.07
C PRO A 696 31.46 11.10 -13.00
N ASP A 697 31.39 10.79 -14.30
CA ASP A 697 31.38 11.84 -15.31
C ASP A 697 30.16 12.74 -15.22
N SER A 698 29.08 12.27 -14.60
CA SER A 698 27.92 13.11 -14.38
C SER A 698 28.28 14.29 -13.49
N ILE A 699 27.70 15.45 -13.78
CA ILE A 699 28.04 16.70 -13.12
C ILE A 699 26.79 17.15 -12.36
N THR A 700 26.89 17.14 -11.03
CA THR A 700 25.70 17.24 -10.19
C THR A 700 26.13 17.51 -8.76
N SER A 701 25.20 17.39 -7.82
CA SER A 701 25.44 17.54 -6.40
C SER A 701 25.10 16.23 -5.71
N TRP A 702 26.08 15.34 -5.57
CA TRP A 702 25.84 14.08 -4.90
C TRP A 702 25.55 14.31 -3.43
N VAL A 703 24.62 13.51 -2.89
CA VAL A 703 24.24 13.56 -1.49
C VAL A 703 24.46 12.17 -0.91
N ALA A 704 25.18 12.10 0.20
CA ALA A 704 25.52 10.85 0.87
C ALA A 704 24.85 10.80 2.23
N THR A 705 24.22 9.67 2.52
CA THR A 705 23.67 9.36 3.83
C THR A 705 24.00 7.91 4.13
N GLY A 706 23.68 7.47 5.34
CA GLY A 706 24.00 6.10 5.69
C GLY A 706 23.36 5.70 7.01
N PHE A 707 23.73 4.51 7.45
CA PHE A 707 23.22 3.98 8.70
C PHE A 707 24.22 2.98 9.26
N VAL A 708 24.15 2.79 10.59
CA VAL A 708 25.02 1.91 11.35
C VAL A 708 24.12 0.99 12.16
N ILE A 709 24.50 -0.28 12.26
CA ILE A 709 23.87 -1.23 13.17
C ILE A 709 24.97 -1.87 13.99
N SER A 710 24.82 -1.83 15.31
CA SER A 710 25.71 -2.48 16.25
C SER A 710 24.90 -3.27 17.26
N GLU A 711 25.52 -4.35 17.76
CA GLU A 711 24.80 -5.28 18.62
C GLU A 711 24.35 -4.61 19.91
N ASP A 712 25.22 -3.81 20.53
CA ASP A 712 24.90 -3.23 21.83
C ASP A 712 24.02 -1.99 21.67
N LEU A 713 24.51 -0.98 20.94
CA LEU A 713 23.78 0.28 20.85
C LEU A 713 22.52 0.13 20.01
N GLY A 714 22.62 -0.55 18.87
CA GLY A 714 21.49 -0.70 17.96
C GLY A 714 21.67 0.08 16.68
N LEU A 715 20.63 0.77 16.25
CA LEU A 715 20.63 1.50 14.98
C LEU A 715 21.09 2.94 15.21
N GLY A 716 21.76 3.48 14.21
CA GLY A 716 22.10 4.89 14.20
C GLY A 716 22.04 5.42 12.77
N LEU A 717 21.64 6.68 12.65
CA LEU A 717 21.42 7.33 11.36
C LEU A 717 22.25 8.60 11.28
N THR A 718 22.55 9.01 10.04
CA THR A 718 23.22 10.28 9.82
C THR A 718 22.28 11.41 10.20
N THR A 719 22.80 12.36 10.98
CA THR A 719 21.98 13.47 11.44
C THR A 719 21.54 14.35 10.27
N THR A 720 22.43 14.55 9.29
CA THR A 720 22.17 15.33 8.09
C THR A 720 22.83 14.65 6.91
N PRO A 721 22.34 14.85 5.69
CA PRO A 721 23.09 14.36 4.52
C PRO A 721 24.32 15.23 4.28
N VAL A 722 25.29 14.67 3.56
CA VAL A 722 26.54 15.35 3.22
C VAL A 722 26.59 15.54 1.72
N GLU A 723 26.84 16.77 1.28
CA GLU A 723 26.76 17.15 -0.11
C GLU A 723 28.16 17.33 -0.70
N LEU A 724 28.39 16.72 -1.85
CA LEU A 724 29.60 16.91 -2.64
C LEU A 724 29.19 17.42 -4.02
N GLN A 725 29.59 18.63 -4.37
CA GLN A 725 29.20 19.24 -5.62
C GLN A 725 30.25 18.89 -6.68
N ALA A 726 29.97 17.85 -7.46
CA ALA A 726 30.83 17.49 -8.57
C ALA A 726 30.53 18.46 -9.71
N PHE A 727 31.49 19.34 -10.00
CA PHE A 727 31.30 20.45 -10.93
C PHE A 727 32.62 20.76 -11.62
N GLN A 728 32.55 21.10 -12.90
CA GLN A 728 33.66 21.66 -13.65
C GLN A 728 33.16 22.85 -14.46
N PRO A 729 34.02 23.80 -14.80
CA PRO A 729 33.55 25.06 -15.38
C PRO A 729 33.28 25.03 -16.87
N PHE A 730 33.36 23.87 -17.52
CA PHE A 730 33.11 23.77 -18.95
C PHE A 730 32.78 22.32 -19.26
N PHE A 731 31.60 22.05 -19.81
CA PHE A 731 31.17 20.67 -19.99
C PHE A 731 30.07 20.58 -21.04
N ILE A 732 29.64 19.33 -21.28
CA ILE A 732 28.70 18.97 -22.33
C ILE A 732 27.52 18.28 -21.66
N PHE A 733 26.32 18.52 -22.17
CA PHE A 733 25.11 17.87 -21.69
C PHE A 733 24.28 17.39 -22.88
N LEU A 734 23.71 16.20 -22.73
CA LEU A 734 22.83 15.61 -23.72
C LEU A 734 21.52 15.22 -23.07
N ASN A 735 20.41 15.78 -23.56
CA ASN A 735 19.07 15.40 -23.12
C ASN A 735 18.50 14.33 -24.05
N LEU A 736 19.23 13.22 -24.13
CA LEU A 736 18.89 12.20 -25.11
C LEU A 736 17.61 11.48 -24.68
N PRO A 737 16.82 10.96 -25.64
CA PRO A 737 15.63 10.20 -25.26
C PRO A 737 15.98 8.79 -24.84
N TYR A 738 15.02 8.14 -24.19
CA TYR A 738 15.24 6.75 -23.75
C TYR A 738 15.39 5.82 -24.94
N SER A 739 14.53 5.98 -25.95
CA SER A 739 14.51 5.07 -27.08
C SER A 739 14.05 5.81 -28.33
N VAL A 740 14.57 5.39 -29.48
CA VAL A 740 14.15 5.87 -30.78
C VAL A 740 13.91 4.66 -31.67
N ILE A 741 13.24 4.91 -32.80
CA ILE A 741 12.88 3.86 -33.75
C ILE A 741 13.83 3.93 -34.94
N ARG A 742 14.35 2.78 -35.34
CA ARG A 742 15.32 2.72 -36.43
C ARG A 742 14.69 3.20 -37.72
N GLY A 743 15.50 3.86 -38.54
CA GLY A 743 15.04 4.42 -39.79
C GLY A 743 14.36 5.76 -39.69
N GLU A 744 14.22 6.31 -38.48
CA GLU A 744 13.57 7.59 -38.25
C GLU A 744 14.63 8.64 -37.95
N GLU A 745 14.50 9.82 -38.57
CA GLU A 745 15.46 10.90 -38.40
C GLU A 745 15.03 11.73 -37.19
N PHE A 746 15.69 11.51 -36.06
CA PHE A 746 15.36 12.18 -34.81
C PHE A 746 16.38 13.28 -34.53
N ALA A 747 15.98 14.20 -33.65
CA ALA A 747 16.78 15.38 -33.33
C ALA A 747 17.63 15.12 -32.10
N LEU A 748 18.92 15.40 -32.21
CA LEU A 748 19.87 15.31 -31.10
C LEU A 748 20.27 16.72 -30.71
N GLU A 749 20.07 17.06 -29.44
CA GLU A 749 20.38 18.37 -28.90
C GLU A 749 21.56 18.24 -27.94
N ILE A 750 22.61 19.04 -28.17
CA ILE A 750 23.80 19.08 -27.33
C ILE A 750 23.90 20.47 -26.75
N THR A 751 23.96 20.55 -25.41
CA THR A 751 24.08 21.82 -24.70
C THR A 751 25.51 21.93 -24.17
N ILE A 752 26.28 22.83 -24.75
CA ILE A 752 27.62 23.14 -24.28
C ILE A 752 27.48 24.21 -23.19
N PHE A 753 27.86 23.86 -21.97
CA PHE A 753 27.77 24.77 -20.83
C PHE A 753 29.16 25.32 -20.54
N ASN A 754 29.26 26.65 -20.49
CA ASN A 754 30.51 27.35 -20.20
C ASN A 754 30.31 28.22 -18.96
N TYR A 755 31.20 28.05 -17.98
CA TYR A 755 31.20 28.83 -16.76
C TYR A 755 32.50 29.62 -16.59
N LEU A 756 33.21 29.89 -17.70
CA LEU A 756 34.37 30.76 -17.69
C LEU A 756 33.91 32.22 -17.77
N LYS A 757 34.86 33.13 -17.63
CA LYS A 757 34.55 34.55 -17.61
C LYS A 757 34.44 35.18 -19.01
N ASP A 758 34.58 34.38 -20.07
CA ASP A 758 34.54 34.88 -21.43
C ASP A 758 33.71 33.95 -22.31
N ALA A 759 32.99 34.53 -23.26
CA ALA A 759 32.28 33.73 -24.24
C ALA A 759 33.28 33.06 -25.17
N THR A 760 33.06 31.78 -25.46
CA THR A 760 34.04 30.94 -26.15
C THR A 760 33.45 30.36 -27.42
N GLU A 761 34.25 30.34 -28.48
CA GLU A 761 33.90 29.68 -29.72
C GLU A 761 34.27 28.20 -29.60
N VAL A 762 33.26 27.35 -29.49
CA VAL A 762 33.43 25.92 -29.25
C VAL A 762 33.04 25.16 -30.50
N LYS A 763 33.86 24.18 -30.86
CA LYS A 763 33.60 23.27 -31.97
C LYS A 763 33.12 21.94 -31.41
N VAL A 764 31.93 21.52 -31.83
CA VAL A 764 31.30 20.28 -31.38
C VAL A 764 31.43 19.26 -32.49
N ILE A 765 32.09 18.14 -32.19
CA ILE A 765 32.38 17.09 -33.15
C ILE A 765 31.57 15.85 -32.77
N ILE A 766 30.83 15.33 -33.75
CA ILE A 766 30.09 14.08 -33.61
C ILE A 766 30.91 13.02 -34.33
N GLU A 767 31.36 12.01 -33.58
CA GLU A 767 32.20 10.98 -34.16
C GLU A 767 31.40 10.13 -35.14
N LYS A 768 32.02 9.80 -36.28
CA LYS A 768 31.35 9.00 -37.28
C LYS A 768 31.28 7.54 -36.84
N SER A 769 30.18 6.88 -37.18
CA SER A 769 30.00 5.47 -36.88
C SER A 769 29.07 4.86 -37.92
N ASP A 770 29.23 3.56 -38.13
CA ASP A 770 28.40 2.84 -39.09
C ASP A 770 26.98 2.61 -38.57
N LYS A 771 26.77 2.64 -37.26
CA LYS A 771 25.47 2.29 -36.69
C LYS A 771 24.43 3.39 -36.89
N PHE A 772 24.84 4.62 -37.13
CA PHE A 772 23.89 5.71 -37.36
C PHE A 772 24.53 6.71 -38.33
N ASP A 773 23.68 7.58 -38.88
CA ASP A 773 24.10 8.55 -39.89
C ASP A 773 23.63 9.95 -39.50
N ILE A 774 24.34 10.94 -40.02
CA ILE A 774 24.03 12.35 -39.85
C ILE A 774 23.67 12.89 -41.23
N LEU A 775 22.52 13.56 -41.32
CA LEU A 775 21.96 13.91 -42.62
C LEU A 775 22.71 15.08 -43.26
N MET A 776 22.67 16.25 -42.61
CA MET A 776 23.20 17.46 -43.23
C MET A 776 24.73 17.46 -43.15
N THR A 777 25.36 17.87 -44.25
CA THR A 777 26.82 17.90 -44.29
C THR A 777 27.35 19.02 -43.39
N SER A 778 28.65 18.92 -43.09
CA SER A 778 29.34 19.82 -42.20
C SER A 778 30.23 20.77 -43.01
N ASN A 779 31.00 21.61 -42.31
CA ASN A 779 31.90 22.53 -42.99
C ASN A 779 32.97 21.78 -43.78
N GLU A 780 33.53 20.73 -43.17
CA GLU A 780 34.57 19.96 -43.84
C GLU A 780 33.96 18.99 -44.86
N ILE A 781 34.80 18.57 -45.80
CA ILE A 781 34.41 17.62 -46.84
C ILE A 781 34.98 16.23 -46.60
N ASN A 782 35.96 16.07 -45.71
CA ASN A 782 36.50 14.74 -45.43
C ASN A 782 35.45 13.83 -44.82
N ALA A 783 34.63 14.36 -43.91
CA ALA A 783 33.55 13.62 -43.27
C ALA A 783 32.30 14.49 -43.27
N THR A 784 31.18 13.91 -43.66
CA THR A 784 29.92 14.64 -43.77
C THR A 784 29.21 14.66 -42.42
N GLY A 785 28.69 15.83 -42.05
CA GLY A 785 28.00 15.99 -40.79
C GLY A 785 28.88 15.75 -39.59
N HIS A 786 30.20 15.91 -39.73
CA HIS A 786 31.12 15.53 -38.67
C HIS A 786 31.12 16.52 -37.51
N GLN A 787 30.94 17.81 -37.78
CA GLN A 787 31.16 18.82 -36.76
C GLN A 787 30.34 20.07 -37.05
N GLN A 788 30.17 20.87 -36.00
CA GLN A 788 29.59 22.20 -36.06
C GLN A 788 30.42 23.11 -35.16
N THR A 789 30.18 24.41 -35.26
CA THR A 789 30.85 25.39 -34.41
C THR A 789 29.83 26.42 -33.95
N LEU A 790 29.95 26.85 -32.69
CA LEU A 790 29.04 27.83 -32.12
C LEU A 790 29.77 28.68 -31.10
N LEU A 791 29.05 29.64 -30.54
CA LEU A 791 29.58 30.57 -29.53
C LEU A 791 28.76 30.41 -28.26
N VAL A 792 29.42 30.01 -27.19
CA VAL A 792 28.78 29.81 -25.88
C VAL A 792 29.04 31.06 -25.04
N PRO A 793 28.02 31.74 -24.53
CA PRO A 793 28.29 32.87 -23.63
C PRO A 793 28.85 32.40 -22.30
N SER A 794 29.53 33.32 -21.63
CA SER A 794 30.08 33.05 -20.30
C SER A 794 28.95 32.79 -19.31
N GLU A 795 29.14 31.78 -18.47
CA GLU A 795 28.17 31.41 -17.43
C GLU A 795 26.81 31.10 -18.05
N ASP A 796 26.82 30.37 -19.17
CA ASP A 796 25.59 30.10 -19.91
C ASP A 796 25.77 28.82 -20.73
N GLY A 797 24.65 28.33 -21.23
CA GLY A 797 24.63 27.14 -22.08
C GLY A 797 24.13 27.47 -23.46
N ALA A 798 24.76 26.88 -24.47
CA ALA A 798 24.39 27.05 -25.87
C ALA A 798 24.03 25.71 -26.47
N THR A 799 22.92 25.67 -27.21
CA THR A 799 22.36 24.44 -27.75
C THR A 799 22.67 24.34 -29.23
N VAL A 800 23.02 23.14 -29.68
CA VAL A 800 23.22 22.82 -31.09
C VAL A 800 22.43 21.57 -31.42
N LEU A 801 21.91 21.51 -32.65
CA LEU A 801 21.03 20.44 -33.10
C LEU A 801 21.72 19.60 -34.17
N PHE A 802 21.30 18.33 -34.26
CA PHE A 802 21.84 17.40 -35.24
C PHE A 802 20.75 16.40 -35.66
N PRO A 803 20.38 16.29 -36.96
CA PRO A 803 19.43 15.23 -37.35
C PRO A 803 20.15 13.90 -37.55
N ILE A 804 19.89 12.95 -36.65
CA ILE A 804 20.55 11.66 -36.65
C ILE A 804 19.52 10.60 -37.02
N ARG A 805 19.88 9.76 -37.99
CA ARG A 805 19.08 8.60 -38.38
C ARG A 805 19.80 7.34 -37.92
N PRO A 806 19.31 6.60 -36.93
CA PRO A 806 19.93 5.30 -36.62
C PRO A 806 19.68 4.28 -37.72
N THR A 807 20.55 3.27 -37.77
CA THR A 807 20.47 2.20 -38.75
C THR A 807 20.77 0.83 -38.14
N HIS A 808 20.83 0.72 -36.81
CA HIS A 808 21.17 -0.53 -36.15
C HIS A 808 20.29 -0.70 -34.91
N LEU A 809 20.01 -1.96 -34.58
CA LEU A 809 19.26 -2.28 -33.38
C LEU A 809 20.18 -2.24 -32.16
N GLY A 810 19.57 -2.15 -30.98
CA GLY A 810 20.31 -2.30 -29.74
C GLY A 810 20.95 -1.01 -29.23
N GLU A 811 22.02 -1.15 -28.46
CA GLU A 811 22.65 -0.01 -27.78
C GLU A 811 23.73 0.56 -28.69
N ILE A 812 23.42 1.68 -29.34
CA ILE A 812 24.37 2.37 -30.21
C ILE A 812 25.20 3.32 -29.36
N PRO A 813 26.52 3.44 -29.57
CA PRO A 813 27.27 4.51 -28.92
C PRO A 813 27.17 5.82 -29.69
N ILE A 814 27.08 6.92 -28.94
CA ILE A 814 27.11 8.27 -29.49
C ILE A 814 28.15 9.04 -28.70
N THR A 815 29.13 9.61 -29.40
CA THR A 815 30.25 10.32 -28.81
C THR A 815 30.24 11.75 -29.30
N VAL A 816 30.36 12.69 -28.37
CA VAL A 816 30.35 14.12 -28.66
C VAL A 816 31.55 14.75 -28.00
N THR A 817 32.36 15.48 -28.77
CA THR A 817 33.58 16.10 -28.28
C THR A 817 33.49 17.60 -28.50
N ALA A 818 33.57 18.37 -27.42
CA ALA A 818 33.59 19.82 -27.46
C ALA A 818 35.02 20.30 -27.29
N LEU A 819 35.50 21.09 -28.25
CA LEU A 819 36.85 21.62 -28.25
C LEU A 819 36.80 23.15 -28.24
N SER A 820 37.54 23.74 -27.32
CA SER A 820 37.71 25.19 -27.25
C SER A 820 39.18 25.47 -26.93
N PRO A 821 39.67 26.68 -27.25
CA PRO A 821 41.05 27.00 -26.85
C PRO A 821 41.26 26.95 -25.34
N THR A 822 40.26 27.31 -24.55
CA THR A 822 40.41 27.33 -23.10
C THR A 822 40.41 25.92 -22.51
N ALA A 823 39.49 25.08 -22.96
CA ALA A 823 39.35 23.74 -22.41
C ALA A 823 38.65 22.86 -23.43
N SER A 824 38.47 21.59 -23.07
CA SER A 824 37.83 20.62 -23.95
C SER A 824 37.19 19.53 -23.10
N ASP A 825 36.25 18.81 -23.70
CA ASP A 825 35.58 17.70 -23.04
C ASP A 825 35.07 16.73 -24.09
N ALA A 826 34.77 15.51 -23.64
CA ALA A 826 34.23 14.48 -24.51
C ALA A 826 33.34 13.57 -23.69
N VAL A 827 32.17 13.23 -24.23
CA VAL A 827 31.18 12.40 -23.54
C VAL A 827 30.67 11.34 -24.52
N THR A 828 30.66 10.09 -24.07
CA THR A 828 30.15 8.96 -24.81
C THR A 828 28.97 8.36 -24.05
N GLN A 829 27.87 8.09 -24.75
CA GLN A 829 26.65 7.58 -24.15
C GLN A 829 26.05 6.48 -25.01
N MET A 830 25.13 5.73 -24.41
CA MET A 830 24.42 4.64 -25.06
C MET A 830 23.02 5.13 -25.44
N ILE A 831 22.50 4.64 -26.57
CA ILE A 831 21.13 4.91 -27.01
C ILE A 831 20.51 3.59 -27.43
N LEU A 832 19.37 3.25 -26.84
CA LEU A 832 18.67 2.01 -27.14
C LEU A 832 17.74 2.23 -28.33
N VAL A 833 18.19 1.81 -29.51
CA VAL A 833 17.40 1.93 -30.74
C VAL A 833 16.60 0.64 -30.90
N LYS A 834 15.28 0.77 -30.93
CA LYS A 834 14.36 -0.33 -31.18
C LYS A 834 13.89 -0.31 -32.63
N ALA A 835 13.27 -1.41 -33.04
CA ALA A 835 12.78 -1.53 -34.40
C ALA A 835 11.46 -0.79 -34.57
N GLU A 836 11.19 -0.37 -35.80
CA GLU A 836 9.96 0.34 -36.13
C GLU A 836 8.80 -0.66 -36.21
N GLY A 837 7.65 -0.16 -36.64
CA GLY A 837 6.48 -0.98 -36.88
C GLY A 837 5.56 -1.06 -35.68
N ILE A 838 4.48 -1.82 -35.88
CA ILE A 838 3.45 -2.02 -34.87
C ILE A 838 3.76 -3.31 -34.13
N GLU A 839 3.77 -3.24 -32.80
CA GLU A 839 4.12 -4.39 -31.97
C GLU A 839 3.02 -5.43 -32.01
N LYS A 840 3.42 -6.70 -32.08
CA LYS A 840 2.52 -7.84 -31.99
C LYS A 840 3.13 -8.87 -31.06
N SER A 841 2.28 -9.55 -30.30
CA SER A 841 2.69 -10.57 -29.33
C SER A 841 1.84 -11.81 -29.50
N TYR A 842 2.48 -12.97 -29.41
CA TYR A 842 1.84 -14.26 -29.48
C TYR A 842 2.30 -15.08 -28.29
N SER A 843 1.38 -15.85 -27.70
CA SER A 843 1.67 -16.66 -26.52
C SER A 843 0.98 -18.00 -26.66
N GLN A 844 1.71 -19.07 -26.36
CA GLN A 844 1.15 -20.42 -26.36
C GLN A 844 1.61 -21.16 -25.13
N SER A 845 0.67 -21.66 -24.35
CA SER A 845 0.93 -22.39 -23.11
C SER A 845 0.67 -23.87 -23.32
N ILE A 846 1.32 -24.69 -22.49
CA ILE A 846 1.13 -26.14 -22.53
C ILE A 846 1.42 -26.69 -21.15
N LEU A 847 0.55 -27.60 -20.70
CA LEU A 847 0.67 -28.21 -19.39
C LEU A 847 1.30 -29.60 -19.57
N LEU A 848 2.44 -29.82 -18.93
CA LEU A 848 3.10 -31.11 -18.89
C LEU A 848 2.74 -31.77 -17.57
N ASP A 849 2.02 -32.89 -17.64
CA ASP A 849 1.33 -33.50 -16.50
C ASP A 849 1.97 -34.85 -16.18
N LEU A 850 2.99 -34.84 -15.33
CA LEU A 850 3.64 -36.05 -14.84
C LEU A 850 3.14 -36.43 -13.45
N THR A 851 1.89 -36.11 -13.13
CA THR A 851 1.31 -36.60 -11.88
C THR A 851 1.09 -38.09 -11.92
N ASP A 852 0.67 -38.62 -13.07
CA ASP A 852 0.49 -40.06 -13.22
C ASP A 852 1.85 -40.75 -13.18
N ASN A 853 1.95 -41.77 -12.34
CA ASN A 853 3.20 -42.51 -12.20
C ASN A 853 3.42 -43.54 -13.29
N ARG A 854 2.43 -43.80 -14.15
CA ARG A 854 2.62 -44.75 -15.23
C ARG A 854 3.66 -44.25 -16.22
N LEU A 855 3.60 -42.97 -16.57
CA LEU A 855 4.58 -42.32 -17.42
C LEU A 855 5.47 -41.42 -16.58
N GLN A 856 6.73 -41.27 -17.02
CA GLN A 856 7.71 -40.44 -16.33
C GLN A 856 8.35 -39.39 -17.23
N SER A 857 8.09 -39.42 -18.53
CA SER A 857 8.56 -38.39 -19.46
C SER A 857 7.41 -37.96 -20.34
N THR A 858 7.42 -36.68 -20.72
CA THR A 858 6.37 -36.10 -21.55
C THR A 858 6.99 -35.09 -22.50
N LEU A 859 6.84 -35.32 -23.80
CA LEU A 859 7.36 -34.45 -24.84
C LEU A 859 6.21 -33.65 -25.43
N LYS A 860 6.43 -32.35 -25.62
CA LYS A 860 5.50 -31.47 -26.30
C LYS A 860 6.27 -30.63 -27.29
N THR A 861 5.56 -30.09 -28.29
CA THR A 861 6.14 -29.23 -29.31
C THR A 861 5.37 -27.92 -29.35
N LEU A 862 6.10 -26.81 -29.31
CA LEU A 862 5.52 -25.48 -29.42
C LEU A 862 6.16 -24.78 -30.61
N SER A 863 5.34 -24.31 -31.54
CA SER A 863 5.81 -23.77 -32.81
C SER A 863 5.05 -22.47 -33.13
N PHE A 864 5.73 -21.61 -33.89
CA PHE A 864 5.15 -20.37 -34.37
C PHE A 864 5.94 -19.91 -35.58
N SER A 865 5.24 -19.39 -36.59
CA SER A 865 5.83 -18.88 -37.81
C SER A 865 5.54 -17.39 -37.91
N PHE A 866 6.57 -16.61 -38.23
CA PHE A 866 6.40 -15.17 -38.30
C PHE A 866 5.66 -14.79 -39.58
N PRO A 867 4.92 -13.67 -39.59
CA PRO A 867 4.32 -13.23 -40.85
C PRO A 867 5.38 -12.79 -41.83
N PRO A 868 5.07 -12.75 -43.14
CA PRO A 868 6.08 -12.30 -44.11
C PRO A 868 6.49 -10.85 -43.95
N ASN A 869 5.61 -9.99 -43.42
CA ASN A 869 5.86 -8.57 -43.30
C ASN A 869 6.45 -8.19 -41.93
N THR A 870 7.11 -9.14 -41.26
CA THR A 870 7.71 -8.84 -39.98
C THR A 870 8.93 -7.94 -40.15
N VAL A 871 9.14 -7.05 -39.18
CA VAL A 871 10.31 -6.18 -39.19
C VAL A 871 11.53 -6.98 -38.77
N THR A 872 12.56 -6.99 -39.61
CA THR A 872 13.76 -7.76 -39.32
C THR A 872 14.47 -7.19 -38.09
N GLY A 873 14.97 -8.08 -37.25
CA GLY A 873 15.66 -7.70 -36.04
C GLY A 873 14.77 -7.34 -34.87
N SER A 874 13.44 -7.36 -35.05
CA SER A 874 12.50 -7.04 -34.00
C SER A 874 11.98 -8.26 -33.26
N GLU A 875 12.48 -9.45 -33.57
CA GLU A 875 11.93 -10.68 -33.03
C GLU A 875 12.59 -11.01 -31.70
N ARG A 876 11.77 -11.31 -30.70
CA ARG A 876 12.22 -11.77 -29.40
C ARG A 876 11.43 -13.02 -29.04
N VAL A 877 12.13 -14.07 -28.65
CA VAL A 877 11.53 -15.35 -28.30
C VAL A 877 11.90 -15.65 -26.85
N GLN A 878 10.89 -15.69 -25.99
CA GLN A 878 11.04 -16.04 -24.59
C GLN A 878 10.29 -17.33 -24.33
N ILE A 879 10.80 -18.12 -23.40
CA ILE A 879 10.12 -19.32 -22.93
C ILE A 879 10.20 -19.33 -21.41
N THR A 880 9.04 -19.50 -20.76
CA THR A 880 8.92 -19.50 -19.32
C THR A 880 8.36 -20.82 -18.84
N ALA A 881 8.74 -21.21 -17.64
CA ALA A 881 8.25 -22.41 -16.98
C ALA A 881 7.85 -22.04 -15.56
N ILE A 882 6.69 -22.56 -15.12
CA ILE A 882 6.20 -22.33 -13.78
C ILE A 882 5.61 -23.62 -13.25
N GLY A 883 5.61 -23.75 -11.93
CA GLY A 883 5.13 -24.95 -11.27
C GLY A 883 3.69 -24.87 -10.80
N ASP A 884 3.10 -23.68 -10.82
CA ASP A 884 1.72 -23.51 -10.39
C ASP A 884 1.23 -22.15 -10.88
N VAL A 885 -0.09 -22.02 -10.98
CA VAL A 885 -0.72 -20.77 -11.39
C VAL A 885 -0.86 -19.88 -10.17
N LEU A 886 -1.11 -18.59 -10.38
CA LEU A 886 -1.14 -17.61 -9.30
C LEU A 886 -2.54 -17.60 -8.69
N GLY A 887 -2.67 -18.15 -7.50
CA GLY A 887 -3.93 -18.11 -6.78
C GLY A 887 -4.08 -16.81 -6.01
N PRO A 888 -5.26 -16.63 -5.39
CA PRO A 888 -5.44 -15.46 -4.53
C PRO A 888 -4.62 -15.57 -3.26
N SER A 889 -4.30 -14.41 -2.69
CA SER A 889 -3.60 -14.37 -1.42
C SER A 889 -4.48 -14.94 -0.32
N ILE A 890 -3.84 -15.56 0.67
CA ILE A 890 -4.58 -16.22 1.74
C ILE A 890 -5.32 -15.18 2.58
N ASN A 891 -4.66 -14.07 2.91
CA ASN A 891 -5.30 -13.04 3.70
C ASN A 891 -6.48 -12.41 2.97
N GLY A 892 -6.36 -12.21 1.66
CA GLY A 892 -7.46 -11.62 0.90
C GLY A 892 -8.71 -12.47 0.93
N LEU A 893 -8.55 -13.78 0.79
CA LEU A 893 -9.70 -14.69 0.91
C LEU A 893 -10.19 -14.78 2.35
N ALA A 894 -9.27 -14.75 3.32
CA ALA A 894 -9.67 -14.76 4.73
C ALA A 894 -10.51 -13.55 5.10
N SER A 895 -10.27 -12.41 4.45
CA SER A 895 -11.08 -11.23 4.72
C SER A 895 -12.54 -11.45 4.33
N LEU A 896 -12.79 -12.23 3.28
CA LEU A 896 -14.15 -12.50 2.84
C LEU A 896 -14.90 -13.45 3.78
N ILE A 897 -14.21 -14.09 4.72
CA ILE A 897 -14.89 -14.96 5.69
C ILE A 897 -15.60 -14.08 6.71
N ARG A 898 -16.88 -14.36 6.94
CA ARG A 898 -17.70 -13.51 7.79
C ARG A 898 -18.89 -14.30 8.32
N MET A 899 -19.49 -13.79 9.37
CA MET A 899 -20.65 -14.42 9.99
C MET A 899 -21.86 -14.20 9.08
N PRO A 900 -22.51 -15.25 8.56
CA PRO A 900 -23.69 -15.01 7.71
C PRO A 900 -24.90 -14.60 8.55
N TYR A 901 -25.43 -13.42 8.26
CA TYR A 901 -26.55 -12.84 9.00
C TYR A 901 -27.62 -12.32 8.04
N GLY A 902 -28.63 -11.64 8.57
CA GLY A 902 -29.68 -11.08 7.75
C GLY A 902 -30.71 -12.10 7.32
N CYS A 903 -31.36 -11.85 6.18
CA CYS A 903 -32.38 -12.75 5.68
C CYS A 903 -31.71 -13.96 5.03
N GLY A 904 -32.51 -14.80 4.36
CA GLY A 904 -31.95 -15.96 3.69
C GLY A 904 -30.99 -15.58 2.57
N GLU A 905 -31.35 -14.56 1.79
CA GLU A 905 -30.47 -14.14 0.70
C GLU A 905 -29.19 -13.51 1.22
N GLN A 906 -29.28 -12.66 2.24
CA GLN A 906 -28.08 -12.10 2.85
C GLN A 906 -27.24 -13.20 3.49
N ASN A 907 -27.91 -14.17 4.14
CA ASN A 907 -27.21 -15.31 4.69
C ASN A 907 -26.42 -16.05 3.63
N MET A 908 -27.05 -16.35 2.50
CA MET A 908 -26.35 -17.06 1.41
C MET A 908 -25.23 -16.22 0.84
N ILE A 909 -25.45 -14.91 0.71
CA ILE A 909 -24.43 -14.02 0.15
C ILE A 909 -23.19 -14.03 1.03
N ASN A 910 -23.37 -13.96 2.34
CA ASN A 910 -22.24 -13.98 3.27
C ASN A 910 -21.73 -15.39 3.57
N PHE A 911 -22.42 -16.44 3.14
CA PHE A 911 -22.04 -17.82 3.40
C PHE A 911 -21.27 -18.47 2.26
N ALA A 912 -21.78 -18.35 1.02
CA ALA A 912 -21.24 -19.09 -0.12
C ALA A 912 -19.77 -18.82 -0.38
N PRO A 913 -19.30 -17.57 -0.38
CA PRO A 913 -17.85 -17.35 -0.50
C PRO A 913 -17.04 -18.01 0.59
N ASN A 914 -17.57 -18.10 1.81
CA ASN A 914 -16.81 -18.71 2.90
C ASN A 914 -16.59 -20.20 2.64
N ILE A 915 -17.65 -20.93 2.32
CA ILE A 915 -17.50 -22.37 2.08
C ILE A 915 -16.68 -22.62 0.82
N TYR A 916 -16.84 -21.80 -0.22
CA TYR A 916 -16.08 -22.05 -1.43
C TYR A 916 -14.59 -21.75 -1.23
N ILE A 917 -14.28 -20.71 -0.45
CA ILE A 917 -12.89 -20.44 -0.10
C ILE A 917 -12.34 -21.57 0.75
N LEU A 918 -13.16 -22.12 1.65
CA LEU A 918 -12.71 -23.27 2.45
C LEU A 918 -12.37 -24.45 1.56
N ASP A 919 -13.21 -24.72 0.56
CA ASP A 919 -12.94 -25.83 -0.35
C ASP A 919 -11.67 -25.58 -1.16
N TYR A 920 -11.49 -24.37 -1.66
CA TYR A 920 -10.28 -24.05 -2.43
C TYR A 920 -9.03 -24.17 -1.57
N LEU A 921 -9.09 -23.67 -0.34
CA LEU A 921 -7.95 -23.78 0.56
C LEU A 921 -7.66 -25.24 0.91
N THR A 922 -8.70 -26.05 1.11
CA THR A 922 -8.50 -27.47 1.40
C THR A 922 -7.82 -28.17 0.23
N LYS A 923 -8.27 -27.91 -0.99
CA LYS A 923 -7.68 -28.54 -2.16
C LYS A 923 -6.32 -27.94 -2.53
N LYS A 924 -5.97 -26.77 -1.97
CA LYS A 924 -4.64 -26.20 -2.14
C LYS A 924 -3.68 -26.54 -1.00
N LYS A 925 -4.20 -27.02 0.13
CA LYS A 925 -3.38 -27.42 1.28
C LYS A 925 -2.58 -26.23 1.82
N GLN A 926 -3.32 -25.21 2.25
CA GLN A 926 -2.75 -24.04 2.92
C GLN A 926 -3.62 -23.66 4.11
N LEU A 927 -4.09 -24.65 4.84
CA LEU A 927 -5.02 -24.41 5.94
C LEU A 927 -4.32 -23.83 7.16
N THR A 928 -5.04 -23.00 7.89
CA THR A 928 -4.69 -22.60 9.24
C THR A 928 -5.83 -22.98 10.16
N ASP A 929 -5.48 -23.57 11.32
CA ASP A 929 -6.50 -24.18 12.18
C ASP A 929 -7.50 -23.16 12.68
N ASN A 930 -7.02 -21.96 13.05
CA ASN A 930 -7.92 -20.96 13.60
C ASN A 930 -8.96 -20.50 12.57
N LEU A 931 -8.53 -20.20 11.35
CA LEU A 931 -9.48 -19.83 10.30
C LEU A 931 -10.38 -21.00 9.95
N LYS A 932 -9.86 -22.22 9.98
CA LYS A 932 -10.67 -23.40 9.71
C LYS A 932 -11.81 -23.52 10.71
N GLU A 933 -11.50 -23.42 12.00
CA GLU A 933 -12.54 -23.52 13.02
C GLU A 933 -13.50 -22.34 12.97
N LYS A 934 -12.99 -21.14 12.66
CA LYS A 934 -13.86 -19.98 12.53
C LYS A 934 -14.87 -20.18 11.40
N ALA A 935 -14.40 -20.59 10.22
CA ALA A 935 -15.30 -20.83 9.11
C ALA A 935 -16.24 -21.99 9.40
N LEU A 936 -15.77 -23.02 10.11
CA LEU A 936 -16.65 -24.14 10.43
C LEU A 936 -17.79 -23.69 11.34
N SER A 937 -17.48 -22.91 12.37
CA SER A 937 -18.55 -22.35 13.20
C SER A 937 -19.48 -21.47 12.38
N PHE A 938 -18.91 -20.68 11.47
CA PHE A 938 -19.72 -19.76 10.67
C PHE A 938 -20.71 -20.51 9.80
N MET A 939 -20.26 -21.53 9.05
CA MET A 939 -21.20 -22.19 8.16
C MET A 939 -22.07 -23.20 8.90
N ARG A 940 -21.67 -23.66 10.10
CA ARG A 940 -22.62 -24.38 10.94
C ARG A 940 -23.78 -23.49 11.33
N GLN A 941 -23.50 -22.26 11.77
CA GLN A 941 -24.56 -21.32 12.08
C GLN A 941 -25.37 -20.97 10.84
N GLY A 942 -24.73 -20.84 9.69
CA GLY A 942 -25.45 -20.57 8.46
C GLY A 942 -26.37 -21.71 8.07
N TYR A 943 -25.90 -22.96 8.25
CA TYR A 943 -26.74 -24.12 7.99
C TYR A 943 -27.95 -24.14 8.93
N GLN A 944 -27.73 -23.79 10.20
CA GLN A 944 -28.86 -23.70 11.13
C GLN A 944 -29.84 -22.61 10.70
N ARG A 945 -29.33 -21.46 10.28
CA ARG A 945 -30.20 -20.36 9.85
C ARG A 945 -30.97 -20.72 8.60
N GLU A 946 -30.36 -21.47 7.68
CA GLU A 946 -31.07 -21.91 6.48
C GLU A 946 -32.08 -22.99 6.82
N LEU A 947 -31.79 -23.81 7.83
CA LEU A 947 -32.78 -24.76 8.34
C LEU A 947 -33.98 -24.03 8.90
N LEU A 948 -33.76 -22.89 9.56
CA LEU A 948 -34.89 -22.08 10.02
C LEU A 948 -35.72 -21.58 8.85
N TYR A 949 -35.08 -21.27 7.71
CA TYR A 949 -35.76 -20.80 6.52
C TYR A 949 -36.26 -21.92 5.62
N GLN A 950 -36.05 -23.18 5.99
CA GLN A 950 -36.56 -24.31 5.21
C GLN A 950 -38.04 -24.52 5.53
N ARG A 951 -38.83 -24.78 4.50
CA ARG A 951 -40.26 -25.01 4.67
C ARG A 951 -40.54 -26.50 4.81
N GLU A 952 -41.81 -26.83 5.08
CA GLU A 952 -42.23 -28.22 5.25
C GLU A 952 -42.09 -29.05 3.98
N ASP A 953 -42.23 -28.43 2.82
CA ASP A 953 -42.12 -29.13 1.54
C ASP A 953 -40.69 -29.16 1.00
N GLY A 954 -39.71 -28.69 1.77
CA GLY A 954 -38.35 -28.61 1.30
C GLY A 954 -38.01 -27.35 0.53
N SER A 955 -38.99 -26.49 0.26
CA SER A 955 -38.73 -25.25 -0.45
C SER A 955 -37.94 -24.29 0.43
N PHE A 956 -37.28 -23.33 -0.22
CA PHE A 956 -36.46 -22.34 0.45
C PHE A 956 -36.80 -20.95 -0.09
N SER A 957 -36.68 -19.96 0.79
CA SER A 957 -36.98 -18.58 0.44
C SER A 957 -36.20 -17.66 1.37
N ALA A 958 -36.22 -16.36 1.06
CA ALA A 958 -35.49 -15.40 1.87
C ALA A 958 -36.03 -15.36 3.30
N PHE A 959 -37.35 -15.36 3.45
CA PHE A 959 -38.00 -15.33 4.75
C PHE A 959 -38.65 -16.67 5.11
N GLY A 960 -38.30 -17.75 4.41
CA GLY A 960 -38.85 -19.06 4.70
C GLY A 960 -40.35 -19.14 4.47
N ASN A 961 -41.09 -19.54 5.49
CA ASN A 961 -42.52 -19.74 5.37
C ASN A 961 -43.31 -18.45 5.25
N TYR A 962 -42.72 -17.31 5.61
CA TYR A 962 -43.43 -16.04 5.47
C TYR A 962 -43.69 -15.73 3.99
N ASP A 963 -42.74 -16.03 3.13
CA ASP A 963 -42.97 -15.84 1.70
C ASP A 963 -44.00 -16.86 1.22
N PRO A 964 -44.79 -16.52 0.17
CA PRO A 964 -45.90 -17.41 -0.21
C PRO A 964 -45.46 -18.61 -1.02
N SER A 965 -44.38 -18.48 -1.80
CA SER A 965 -43.90 -19.57 -2.64
C SER A 965 -42.39 -19.46 -2.77
N GLY A 966 -41.71 -20.61 -2.64
CA GLY A 966 -40.27 -20.62 -2.73
C GLY A 966 -39.78 -20.49 -4.17
N SER A 967 -38.48 -20.26 -4.29
CA SER A 967 -37.82 -20.06 -5.57
C SER A 967 -37.02 -21.31 -5.94
N THR A 968 -37.28 -21.84 -7.13
CA THR A 968 -36.53 -23.00 -7.60
C THR A 968 -35.06 -22.67 -7.85
N TRP A 969 -34.78 -21.45 -8.30
CA TRP A 969 -33.38 -21.05 -8.50
C TRP A 969 -32.64 -20.97 -7.17
N LEU A 970 -33.25 -20.33 -6.17
CA LEU A 970 -32.66 -20.30 -4.84
C LEU A 970 -32.58 -21.70 -4.24
N SER A 971 -33.59 -22.54 -4.50
CA SER A 971 -33.55 -23.91 -4.03
C SER A 971 -32.37 -24.67 -4.63
N ALA A 972 -32.12 -24.50 -5.92
CA ALA A 972 -30.97 -25.13 -6.56
C ALA A 972 -29.67 -24.59 -6.01
N PHE A 973 -29.61 -23.28 -5.75
CA PHE A 973 -28.41 -22.68 -5.16
C PHE A 973 -28.09 -23.30 -3.81
N VAL A 974 -29.08 -23.34 -2.91
CA VAL A 974 -28.82 -23.91 -1.59
C VAL A 974 -28.56 -25.41 -1.69
N LEU A 975 -29.19 -26.10 -2.64
CA LEU A 975 -28.93 -27.53 -2.82
C LEU A 975 -27.47 -27.76 -3.20
N ARG A 976 -26.96 -26.96 -4.14
CA ARG A 976 -25.53 -27.02 -4.47
C ARG A 976 -24.68 -26.69 -3.26
N CYS A 977 -25.14 -25.76 -2.41
CA CYS A 977 -24.39 -25.41 -1.23
C CYS A 977 -24.27 -26.60 -0.26
N PHE A 978 -25.37 -27.29 0.03
CA PHE A 978 -25.22 -28.45 0.93
C PHE A 978 -24.50 -29.60 0.25
N LEU A 979 -24.61 -29.73 -1.08
CA LEU A 979 -23.81 -30.75 -1.75
C LEU A 979 -22.33 -30.46 -1.59
N GLU A 980 -21.94 -29.18 -1.61
CA GLU A 980 -20.55 -28.83 -1.35
C GLU A 980 -20.19 -29.02 0.12
N ALA A 981 -21.16 -28.83 1.02
CA ALA A 981 -20.90 -28.90 2.46
C ALA A 981 -20.93 -30.31 3.03
N ASP A 982 -21.45 -31.29 2.29
CA ASP A 982 -21.58 -32.65 2.79
C ASP A 982 -20.27 -33.27 3.27
N PRO A 983 -19.14 -33.13 2.56
CA PRO A 983 -17.89 -33.67 3.11
C PRO A 983 -17.42 -32.98 4.39
N TYR A 984 -17.91 -31.78 4.69
CA TYR A 984 -17.40 -30.98 5.80
C TYR A 984 -18.24 -31.11 7.07
N ILE A 985 -19.54 -31.30 6.94
CA ILE A 985 -20.42 -31.58 8.06
C ILE A 985 -21.45 -32.62 7.63
N ASP A 986 -22.20 -33.13 8.61
CA ASP A 986 -23.28 -34.06 8.32
C ASP A 986 -24.51 -33.28 7.89
N ILE A 987 -25.04 -33.63 6.71
CA ILE A 987 -26.24 -33.02 6.16
C ILE A 987 -27.34 -34.07 6.16
N ASP A 988 -28.51 -33.68 6.67
CA ASP A 988 -29.63 -34.61 6.73
C ASP A 988 -30.07 -34.97 5.31
N GLN A 989 -30.04 -36.27 5.00
CA GLN A 989 -30.41 -36.71 3.66
C GLN A 989 -31.89 -36.58 3.38
N ASN A 990 -32.75 -36.57 4.41
CA ASN A 990 -34.16 -36.30 4.19
C ASN A 990 -34.37 -34.89 3.65
N VAL A 991 -33.60 -33.92 4.15
CA VAL A 991 -33.67 -32.56 3.61
C VAL A 991 -33.28 -32.56 2.14
N LEU A 992 -32.22 -33.27 1.79
CA LEU A 992 -31.75 -33.30 0.41
C LEU A 992 -32.79 -33.96 -0.49
N HIS A 993 -33.40 -35.06 -0.04
CA HIS A 993 -34.43 -35.71 -0.83
C HIS A 993 -35.67 -34.85 -0.96
N ARG A 994 -36.03 -34.11 0.10
CA ARG A 994 -37.15 -33.17 0.01
C ARG A 994 -36.88 -32.10 -1.04
N THR A 995 -35.67 -31.53 -1.04
CA THR A 995 -35.32 -30.54 -2.04
C THR A 995 -35.34 -31.14 -3.45
N TYR A 996 -34.84 -32.38 -3.58
CA TYR A 996 -34.84 -33.05 -4.86
C TYR A 996 -36.26 -33.27 -5.37
N THR A 997 -37.16 -33.72 -4.50
CA THR A 997 -38.54 -33.95 -4.92
C THR A 997 -39.23 -32.63 -5.28
N TRP A 998 -39.01 -31.58 -4.49
CA TRP A 998 -39.63 -30.30 -4.79
C TRP A 998 -39.13 -29.73 -6.10
N LEU A 999 -37.83 -29.87 -6.38
CA LEU A 999 -37.30 -29.40 -7.66
C LEU A 999 -37.78 -30.25 -8.82
N LYS A 1000 -37.96 -31.55 -8.60
CA LYS A 1000 -38.49 -32.41 -9.65
C LYS A 1000 -39.96 -32.14 -9.94
N GLY A 1001 -40.72 -31.66 -8.93
CA GLY A 1001 -42.12 -31.36 -9.13
C GLY A 1001 -42.38 -30.29 -10.17
N HIS A 1002 -41.41 -29.42 -10.43
CA HIS A 1002 -41.54 -28.36 -11.42
C HIS A 1002 -41.14 -28.80 -12.82
N GLN A 1003 -40.80 -30.08 -13.02
CA GLN A 1003 -40.38 -30.56 -14.33
C GLN A 1003 -41.59 -30.67 -15.26
N LYS A 1004 -41.45 -30.10 -16.45
CA LYS A 1004 -42.50 -30.16 -17.46
C LYS A 1004 -42.29 -31.38 -18.35
N SER A 1005 -43.21 -31.59 -19.31
CA SER A 1005 -43.10 -32.74 -20.20
C SER A 1005 -41.86 -32.66 -21.07
N ASN A 1006 -41.50 -31.47 -21.54
CA ASN A 1006 -40.34 -31.28 -22.39
C ASN A 1006 -39.03 -31.17 -21.62
N GLY A 1007 -39.07 -31.27 -20.29
CA GLY A 1007 -37.89 -31.13 -19.47
C GLY A 1007 -37.59 -29.71 -19.02
N GLU A 1008 -38.31 -28.71 -19.52
CA GLU A 1008 -38.14 -27.35 -19.07
C GLU A 1008 -38.71 -27.19 -17.66
N PHE A 1009 -38.27 -26.12 -16.99
CA PHE A 1009 -38.64 -25.84 -15.61
C PHE A 1009 -39.14 -24.41 -15.51
N TRP A 1010 -39.75 -24.10 -14.36
CA TRP A 1010 -40.39 -22.81 -14.12
C TRP A 1010 -40.21 -22.43 -12.66
N ASP A 1011 -40.01 -21.13 -12.42
CA ASP A 1011 -39.73 -20.60 -11.09
C ASP A 1011 -40.97 -19.87 -10.55
N PRO A 1012 -41.67 -20.37 -9.53
CA PRO A 1012 -42.76 -19.58 -8.94
C PRO A 1012 -42.27 -18.49 -7.99
N GLY A 1013 -41.09 -18.63 -7.40
CA GLY A 1013 -40.60 -17.70 -6.41
C GLY A 1013 -40.03 -16.44 -7.03
N ARG A 1014 -39.49 -15.59 -6.15
CA ARG A 1014 -38.92 -14.31 -6.53
C ARG A 1014 -37.74 -14.00 -5.63
N VAL A 1015 -36.64 -13.56 -6.23
CA VAL A 1015 -35.40 -13.29 -5.52
C VAL A 1015 -35.34 -11.80 -5.23
N ILE A 1016 -35.27 -11.45 -3.95
CA ILE A 1016 -35.30 -10.04 -3.55
C ILE A 1016 -34.05 -9.32 -4.04
N HIS A 1017 -32.88 -9.94 -3.87
CA HIS A 1017 -31.63 -9.30 -4.27
C HIS A 1017 -31.55 -9.21 -5.79
N SER A 1018 -31.18 -8.03 -6.29
CA SER A 1018 -31.16 -7.80 -7.72
C SER A 1018 -29.97 -8.49 -8.40
N GLU A 1019 -28.80 -8.50 -7.77
CA GLU A 1019 -27.63 -9.11 -8.39
C GLU A 1019 -27.77 -10.63 -8.53
N LEU A 1020 -28.59 -11.27 -7.70
CA LEU A 1020 -28.95 -12.66 -7.88
C LEU A 1020 -30.18 -12.83 -8.75
N GLN A 1021 -31.16 -11.94 -8.62
CA GLN A 1021 -32.32 -11.97 -9.50
C GLN A 1021 -31.95 -11.65 -10.94
N GLY A 1022 -30.99 -10.74 -11.13
CA GLY A 1022 -30.63 -10.25 -12.44
C GLY A 1022 -29.77 -11.18 -13.27
N GLY A 1023 -29.46 -12.38 -12.78
CA GLY A 1023 -28.59 -13.29 -13.49
C GLY A 1023 -29.28 -14.07 -14.60
N ASN A 1024 -29.66 -13.39 -15.69
CA ASN A 1024 -30.17 -14.04 -16.89
C ASN A 1024 -31.43 -14.86 -16.59
N LYS A 1025 -32.51 -14.13 -16.32
CA LYS A 1025 -33.75 -14.71 -15.82
C LYS A 1025 -34.49 -15.57 -16.85
N SER A 1026 -33.97 -15.76 -18.07
CA SER A 1026 -34.67 -16.55 -19.06
C SER A 1026 -34.78 -18.01 -18.60
N PRO A 1027 -35.82 -18.74 -19.02
CA PRO A 1027 -35.99 -20.12 -18.50
C PRO A 1027 -34.88 -21.07 -18.90
N VAL A 1028 -34.14 -20.80 -19.97
CA VAL A 1028 -33.07 -21.71 -20.38
C VAL A 1028 -31.99 -21.74 -19.31
N THR A 1029 -31.60 -20.57 -18.80
CA THR A 1029 -30.62 -20.53 -17.72
C THR A 1029 -31.17 -21.16 -16.46
N LEU A 1030 -32.49 -21.07 -16.23
CA LEU A 1030 -33.08 -21.71 -15.07
C LEU A 1030 -32.93 -23.23 -15.16
N THR A 1031 -33.26 -23.79 -16.33
CA THR A 1031 -33.10 -25.23 -16.54
C THR A 1031 -31.65 -25.65 -16.37
N ALA A 1032 -30.73 -24.88 -16.97
CA ALA A 1032 -29.32 -25.19 -16.86
C ALA A 1032 -28.85 -25.14 -15.42
N TYR A 1033 -29.33 -24.16 -14.65
CA TYR A 1033 -28.92 -24.04 -13.26
C TYR A 1033 -29.43 -25.22 -12.43
N ILE A 1034 -30.68 -25.65 -12.66
CA ILE A 1034 -31.18 -26.73 -11.81
C ILE A 1034 -30.43 -28.02 -12.16
N VAL A 1035 -30.18 -28.29 -13.45
CA VAL A 1035 -29.47 -29.53 -13.77
C VAL A 1035 -28.02 -29.47 -13.30
N THR A 1036 -27.37 -28.30 -13.39
CA THR A 1036 -26.00 -28.18 -12.92
C THR A 1036 -25.92 -28.18 -11.39
N SER A 1037 -27.03 -27.97 -10.70
CA SER A 1037 -27.08 -28.21 -9.26
C SER A 1037 -27.37 -29.68 -8.94
N LEU A 1038 -28.19 -30.34 -9.76
CA LEU A 1038 -28.58 -31.73 -9.52
C LEU A 1038 -27.51 -32.73 -9.94
N LEU A 1039 -26.51 -32.32 -10.73
CA LEU A 1039 -25.47 -33.28 -11.14
C LEU A 1039 -24.72 -33.84 -9.94
N GLY A 1040 -24.63 -33.10 -8.84
CA GLY A 1040 -23.91 -33.55 -7.66
C GLY A 1040 -24.67 -34.52 -6.79
N TYR A 1041 -25.94 -34.79 -7.10
CA TYR A 1041 -26.72 -35.77 -6.34
C TYR A 1041 -26.35 -37.21 -6.67
N ARG A 1042 -25.48 -37.43 -7.66
CA ARG A 1042 -25.02 -38.78 -7.97
C ARG A 1042 -24.16 -39.39 -6.86
N LYS A 1043 -23.68 -38.58 -5.91
CA LYS A 1043 -22.90 -39.11 -4.80
C LYS A 1043 -23.73 -40.09 -3.97
N TYR A 1044 -25.00 -39.75 -3.70
CA TYR A 1044 -25.85 -40.56 -2.85
C TYR A 1044 -26.58 -41.64 -3.64
N GLN A 1045 -27.08 -41.30 -4.82
CA GLN A 1045 -27.66 -42.28 -5.72
C GLN A 1045 -27.59 -41.71 -7.13
N PRO A 1046 -27.24 -42.50 -8.15
CA PRO A 1046 -27.11 -41.94 -9.50
C PRO A 1046 -28.38 -41.90 -10.32
N ASN A 1047 -29.50 -42.40 -9.79
CA ASN A 1047 -30.76 -42.45 -10.55
C ASN A 1047 -31.40 -41.06 -10.50
N ILE A 1048 -30.99 -40.22 -11.46
CA ILE A 1048 -31.57 -38.90 -11.68
C ILE A 1048 -32.02 -38.84 -13.12
N ASP A 1049 -33.33 -38.74 -13.34
CA ASP A 1049 -33.91 -38.76 -14.67
C ASP A 1049 -34.01 -37.34 -15.18
N VAL A 1050 -32.95 -36.88 -15.83
CA VAL A 1050 -32.88 -35.57 -16.47
C VAL A 1050 -32.57 -35.69 -17.96
N GLN A 1051 -32.79 -36.87 -18.54
CA GLN A 1051 -32.49 -37.07 -19.95
C GLN A 1051 -33.38 -36.23 -20.84
N GLU A 1052 -34.66 -36.05 -20.45
CA GLU A 1052 -35.53 -35.16 -21.21
C GLU A 1052 -35.03 -33.71 -21.14
N SER A 1053 -34.58 -33.28 -19.96
CA SER A 1053 -34.03 -31.93 -19.85
C SER A 1053 -32.74 -31.80 -20.64
N ILE A 1054 -31.90 -32.84 -20.62
CA ILE A 1054 -30.67 -32.82 -21.39
C ILE A 1054 -30.98 -32.74 -22.88
N HIS A 1055 -32.00 -33.47 -23.33
CA HIS A 1055 -32.41 -33.39 -24.74
C HIS A 1055 -32.96 -32.00 -25.08
N PHE A 1056 -33.70 -31.39 -24.16
CA PHE A 1056 -34.18 -30.02 -24.39
C PHE A 1056 -33.01 -29.05 -24.53
N LEU A 1057 -32.01 -29.16 -23.65
CA LEU A 1057 -30.84 -28.31 -23.75
C LEU A 1057 -30.07 -28.58 -25.04
N GLU A 1058 -29.98 -29.84 -25.45
CA GLU A 1058 -29.31 -30.18 -26.71
C GLU A 1058 -30.04 -29.57 -27.90
N SER A 1059 -31.37 -29.62 -27.88
CA SER A 1059 -32.15 -29.01 -28.97
C SER A 1059 -31.95 -27.49 -28.98
N GLU A 1060 -31.92 -26.88 -27.80
CA GLU A 1060 -31.66 -25.44 -27.74
C GLU A 1060 -30.28 -25.09 -28.28
N PHE A 1061 -29.28 -25.90 -27.95
CA PHE A 1061 -27.94 -25.69 -28.50
C PHE A 1061 -27.93 -25.87 -30.02
N SER A 1062 -28.68 -26.86 -30.52
CA SER A 1062 -28.79 -27.06 -31.96
C SER A 1062 -29.44 -25.87 -32.63
N ARG A 1063 -30.42 -25.24 -31.99
CA ARG A 1063 -31.04 -24.04 -32.54
C ARG A 1063 -30.04 -22.89 -32.65
N GLY A 1064 -29.02 -22.87 -31.79
CA GLY A 1064 -28.05 -21.79 -31.77
C GLY A 1064 -28.40 -20.75 -30.73
N ILE A 1065 -27.49 -20.52 -29.78
CA ILE A 1065 -27.71 -19.63 -28.64
C ILE A 1065 -26.77 -18.45 -28.77
N SER A 1066 -27.30 -17.24 -28.49
CA SER A 1066 -26.57 -16.01 -28.69
C SER A 1066 -25.81 -15.55 -27.45
N ASP A 1067 -26.41 -15.66 -26.27
CA ASP A 1067 -25.81 -15.13 -25.06
C ASP A 1067 -24.69 -16.05 -24.57
N ASN A 1068 -23.63 -15.41 -24.05
CA ASN A 1068 -22.43 -16.15 -23.66
C ASN A 1068 -22.63 -16.96 -22.40
N TYR A 1069 -23.27 -16.39 -21.37
CA TYR A 1069 -23.44 -17.09 -20.10
C TYR A 1069 -24.36 -18.28 -20.25
N THR A 1070 -25.44 -18.13 -21.03
CA THR A 1070 -26.31 -19.26 -21.31
C THR A 1070 -25.53 -20.37 -22.00
N LEU A 1071 -24.66 -20.00 -22.95
CA LEU A 1071 -23.83 -20.99 -23.61
C LEU A 1071 -22.88 -21.67 -22.63
N ALA A 1072 -22.33 -20.92 -21.69
CA ALA A 1072 -21.39 -21.49 -20.73
C ALA A 1072 -22.09 -22.50 -19.82
N LEU A 1073 -23.26 -22.13 -19.29
CA LEU A 1073 -24.01 -23.06 -18.47
C LEU A 1073 -24.45 -24.28 -19.28
N ILE A 1074 -24.82 -24.07 -20.55
CA ILE A 1074 -25.18 -25.19 -21.42
C ILE A 1074 -23.99 -26.14 -21.55
N THR A 1075 -22.81 -25.59 -21.82
CA THR A 1075 -21.63 -26.43 -22.03
C THR A 1075 -21.29 -27.20 -20.77
N TYR A 1076 -21.37 -26.57 -19.61
CA TYR A 1076 -21.11 -27.29 -18.37
C TYR A 1076 -22.15 -28.39 -18.14
N ALA A 1077 -23.41 -28.10 -18.46
CA ALA A 1077 -24.47 -29.09 -18.25
C ALA A 1077 -24.27 -30.32 -19.12
N LEU A 1078 -24.09 -30.13 -20.43
CA LEU A 1078 -23.89 -31.28 -21.31
C LEU A 1078 -22.52 -31.94 -21.12
N SER A 1079 -21.51 -31.23 -20.62
CA SER A 1079 -20.23 -31.87 -20.36
C SER A 1079 -20.26 -32.71 -19.10
N SER A 1080 -21.04 -32.30 -18.10
CA SER A 1080 -21.13 -33.08 -16.86
C SER A 1080 -21.72 -34.46 -17.12
N VAL A 1081 -22.76 -34.53 -17.97
CA VAL A 1081 -23.40 -35.82 -18.28
C VAL A 1081 -22.69 -36.57 -19.39
N GLY A 1082 -21.61 -36.03 -19.95
CA GLY A 1082 -20.90 -36.72 -21.01
C GLY A 1082 -21.68 -36.85 -22.29
N SER A 1083 -22.44 -35.83 -22.67
CA SER A 1083 -23.18 -35.87 -23.91
C SER A 1083 -22.22 -35.73 -25.10
N PRO A 1084 -22.51 -36.36 -26.25
CA PRO A 1084 -21.60 -36.19 -27.40
C PRO A 1084 -21.55 -34.78 -27.94
N LYS A 1085 -22.61 -33.99 -27.79
CA LYS A 1085 -22.62 -32.64 -28.32
C LYS A 1085 -21.78 -31.67 -27.48
N ALA A 1086 -21.38 -32.06 -26.27
CA ALA A 1086 -20.68 -31.14 -25.38
C ALA A 1086 -19.32 -30.74 -25.94
N LYS A 1087 -18.64 -31.67 -26.61
CA LYS A 1087 -17.35 -31.36 -27.22
C LYS A 1087 -17.51 -30.28 -28.29
N GLU A 1088 -18.51 -30.45 -29.17
CA GLU A 1088 -18.76 -29.46 -30.21
C GLU A 1088 -19.18 -28.13 -29.61
N ALA A 1089 -20.00 -28.18 -28.56
CA ALA A 1089 -20.44 -26.94 -27.90
C ALA A 1089 -19.25 -26.20 -27.29
N LEU A 1090 -18.33 -26.92 -26.65
CA LEU A 1090 -17.12 -26.29 -26.16
C LEU A 1090 -16.28 -25.74 -27.30
N ASN A 1091 -16.27 -26.44 -28.44
CA ASN A 1091 -15.48 -25.98 -29.59
C ASN A 1091 -16.00 -24.64 -30.10
N MET A 1092 -17.33 -24.50 -30.24
CA MET A 1092 -17.85 -23.20 -30.70
C MET A 1092 -17.95 -22.19 -29.57
N LEU A 1093 -17.78 -22.62 -28.31
CA LEU A 1093 -17.62 -21.67 -27.21
C LEU A 1093 -16.24 -21.03 -27.21
N THR A 1094 -15.19 -21.83 -27.40
CA THR A 1094 -13.84 -21.27 -27.42
C THR A 1094 -13.52 -20.55 -28.73
N TRP A 1095 -14.25 -20.84 -29.81
CA TRP A 1095 -14.15 -20.00 -31.00
C TRP A 1095 -14.69 -18.61 -30.72
N ARG A 1096 -15.69 -18.49 -29.86
CA ARG A 1096 -16.21 -17.18 -29.45
C ARG A 1096 -15.27 -16.46 -28.49
N ALA A 1097 -14.28 -17.15 -27.93
CA ALA A 1097 -13.35 -16.50 -27.03
C ALA A 1097 -12.46 -15.51 -27.78
N GLU A 1098 -11.92 -14.55 -27.03
CA GLU A 1098 -11.08 -13.49 -27.57
C GLU A 1098 -9.69 -13.64 -26.96
N GLN A 1099 -8.78 -14.24 -27.71
CA GLN A 1099 -7.41 -14.53 -27.27
C GLN A 1099 -6.47 -13.55 -27.94
N GLU A 1100 -5.82 -12.70 -27.15
CA GLU A 1100 -4.79 -11.79 -27.64
C GLU A 1100 -3.69 -11.72 -26.60
N GLY A 1101 -2.48 -12.11 -27.00
CA GLY A 1101 -1.35 -12.09 -26.10
C GLY A 1101 -1.49 -13.00 -24.89
N GLY A 1102 -1.97 -14.22 -25.10
CA GLY A 1102 -2.10 -15.16 -24.00
C GLY A 1102 -3.09 -14.71 -22.94
N MET A 1103 -4.23 -14.16 -23.38
CA MET A 1103 -5.26 -13.65 -22.47
C MET A 1103 -6.61 -13.99 -23.10
N GLN A 1104 -7.24 -15.06 -22.60
CA GLN A 1104 -8.49 -15.57 -23.14
C GLN A 1104 -9.64 -15.19 -22.22
N PHE A 1105 -10.70 -14.63 -22.81
CA PHE A 1105 -11.91 -14.26 -22.08
C PHE A 1105 -13.04 -14.19 -23.09
N TRP A 1106 -14.20 -13.66 -22.66
CA TRP A 1106 -15.39 -13.62 -23.50
C TRP A 1106 -16.04 -12.24 -23.44
N VAL A 1107 -16.75 -11.91 -24.52
CA VAL A 1107 -17.41 -10.62 -24.64
C VAL A 1107 -18.73 -10.65 -23.88
N SER A 1108 -19.09 -9.53 -23.29
CA SER A 1108 -20.33 -9.36 -22.55
C SER A 1108 -21.39 -8.70 -23.43
N SER A 1109 -22.65 -8.99 -23.11
CA SER A 1109 -23.75 -8.39 -23.87
C SER A 1109 -23.78 -6.88 -23.68
N GLU A 1110 -23.59 -6.41 -22.45
CA GLU A 1110 -23.60 -4.98 -22.16
C GLU A 1110 -22.24 -4.36 -22.42
N SER A 1121 -18.65 -10.18 -12.54
CA SER A 1121 -19.69 -9.94 -13.54
C SER A 1121 -19.89 -11.19 -14.40
N LEU A 1122 -20.66 -11.03 -15.49
CA LEU A 1122 -21.00 -12.16 -16.34
C LEU A 1122 -19.76 -12.81 -16.96
N ASP A 1123 -18.75 -11.98 -17.25
CA ASP A 1123 -17.50 -12.50 -17.85
C ASP A 1123 -16.85 -13.55 -16.95
N ILE A 1124 -16.85 -13.34 -15.64
CA ILE A 1124 -16.24 -14.30 -14.73
C ILE A 1124 -17.02 -15.60 -14.76
N GLU A 1125 -18.35 -15.53 -14.85
CA GLU A 1125 -19.14 -16.76 -14.79
C GLU A 1125 -18.94 -17.58 -16.05
N VAL A 1126 -18.95 -16.93 -17.23
CA VAL A 1126 -18.68 -17.67 -18.46
C VAL A 1126 -17.26 -18.24 -18.43
N ALA A 1127 -16.28 -17.48 -17.92
CA ALA A 1127 -14.91 -17.99 -17.89
C ALA A 1127 -14.80 -19.22 -16.98
N ALA A 1128 -15.40 -19.15 -15.79
CA ALA A 1128 -15.29 -20.26 -14.85
C ALA A 1128 -16.00 -21.50 -15.39
N TYR A 1129 -17.18 -21.32 -15.99
CA TYR A 1129 -17.88 -22.50 -16.50
C TYR A 1129 -17.18 -23.09 -17.71
N ALA A 1130 -16.57 -22.24 -18.55
CA ALA A 1130 -15.77 -22.78 -19.65
C ALA A 1130 -14.57 -23.55 -19.13
N LEU A 1131 -13.93 -23.05 -18.08
CA LEU A 1131 -12.79 -23.77 -17.49
C LEU A 1131 -13.22 -25.11 -16.92
N LEU A 1132 -14.37 -25.15 -16.24
CA LEU A 1132 -14.86 -26.42 -15.72
C LEU A 1132 -15.21 -27.39 -16.84
N SER A 1133 -15.80 -26.89 -17.92
CA SER A 1133 -16.08 -27.75 -19.07
C SER A 1133 -14.80 -28.28 -19.68
N HIS A 1134 -13.76 -27.45 -19.75
CA HIS A 1134 -12.47 -27.88 -20.27
C HIS A 1134 -11.89 -29.00 -19.42
N PHE A 1135 -11.97 -28.86 -18.09
CA PHE A 1135 -11.47 -29.93 -17.23
C PHE A 1135 -12.29 -31.20 -17.38
N LEU A 1136 -13.61 -31.07 -17.51
CA LEU A 1136 -14.45 -32.26 -17.59
C LEU A 1136 -14.23 -33.05 -18.87
N GLN A 1137 -13.82 -32.39 -19.94
CA GLN A 1137 -13.51 -33.05 -21.21
C GLN A 1137 -12.03 -33.43 -21.34
N PHE A 1138 -11.24 -33.28 -20.27
CA PHE A 1138 -9.81 -33.60 -20.27
C PHE A 1138 -9.03 -32.74 -21.26
N GLN A 1139 -9.55 -31.57 -21.60
CA GLN A 1139 -8.81 -30.57 -22.38
C GLN A 1139 -8.17 -29.55 -21.43
N THR A 1140 -7.33 -30.07 -20.54
CA THR A 1140 -6.76 -29.22 -19.49
C THR A 1140 -5.80 -28.18 -20.05
N SER A 1141 -5.02 -28.54 -21.07
CA SER A 1141 -4.01 -27.62 -21.59
C SER A 1141 -4.64 -26.39 -22.24
N GLU A 1142 -5.84 -26.52 -22.78
CA GLU A 1142 -6.49 -25.39 -23.45
C GLU A 1142 -7.07 -24.38 -22.47
N GLY A 1143 -7.32 -24.77 -21.23
CA GLY A 1143 -7.86 -23.86 -20.24
C GLY A 1143 -6.86 -22.96 -19.57
N ILE A 1144 -5.57 -23.08 -19.92
CA ILE A 1144 -4.54 -22.29 -19.23
C ILE A 1144 -4.71 -20.79 -19.45
N PRO A 1145 -4.96 -20.28 -20.66
CA PRO A 1145 -5.18 -18.83 -20.79
C PRO A 1145 -6.43 -18.34 -20.09
N ILE A 1146 -7.49 -19.15 -20.07
CA ILE A 1146 -8.68 -18.79 -19.31
C ILE A 1146 -8.32 -18.74 -17.82
N MET A 1147 -7.46 -19.65 -17.39
CA MET A 1147 -7.06 -19.68 -15.99
C MET A 1147 -6.23 -18.45 -15.65
N ARG A 1148 -5.37 -18.02 -16.58
CA ARG A 1148 -4.61 -16.79 -16.37
C ARG A 1148 -5.52 -15.58 -16.28
N TRP A 1149 -6.58 -15.55 -17.11
CA TRP A 1149 -7.58 -14.50 -16.96
C TRP A 1149 -8.23 -14.54 -15.58
N LEU A 1150 -8.60 -15.72 -15.11
CA LEU A 1150 -9.12 -15.84 -13.75
C LEU A 1150 -8.11 -15.36 -12.71
N SER A 1151 -6.83 -15.58 -12.95
CA SER A 1151 -5.78 -15.11 -12.06
C SER A 1151 -5.60 -13.59 -12.11
N ARG A 1152 -5.94 -12.96 -13.23
CA ARG A 1152 -5.80 -11.52 -13.40
C ARG A 1152 -7.07 -10.74 -13.05
N GLN A 1153 -8.14 -11.41 -12.67
CA GLN A 1153 -9.38 -10.78 -12.23
C GLN A 1153 -9.51 -10.70 -10.71
N ARG A 1154 -8.42 -10.96 -9.97
CA ARG A 1154 -8.39 -10.90 -8.52
C ARG A 1154 -7.33 -9.96 -7.97
N ASN A 1155 -6.16 -9.89 -8.62
CA ASN A 1155 -5.10 -8.99 -8.15
C ASN A 1155 -5.51 -7.53 -8.17
N SER A 1156 -6.45 -7.16 -9.05
CA SER A 1156 -6.88 -5.77 -9.15
C SER A 1156 -7.69 -5.31 -7.95
N LEU A 1157 -8.39 -6.23 -7.26
CA LEU A 1157 -9.25 -5.87 -6.13
C LEU A 1157 -9.16 -6.85 -4.98
N GLY A 1158 -8.14 -7.70 -4.92
CA GLY A 1158 -8.03 -8.66 -3.84
C GLY A 1158 -8.75 -9.96 -4.14
N GLY A 1159 -9.96 -10.09 -3.64
CA GLY A 1159 -10.77 -11.27 -3.93
C GLY A 1159 -11.49 -11.12 -5.25
N PHE A 1160 -12.81 -11.26 -5.24
CA PHE A 1160 -13.63 -11.13 -6.43
C PHE A 1160 -14.84 -10.24 -6.13
N ALA A 1161 -15.23 -9.45 -7.13
CA ALA A 1161 -16.38 -8.58 -6.98
C ALA A 1161 -17.66 -9.40 -6.82
N SER A 1162 -18.61 -8.84 -6.07
CA SER A 1162 -19.89 -9.51 -5.82
C SER A 1162 -19.67 -10.84 -5.11
N THR A 1163 -20.66 -11.73 -5.15
CA THR A 1163 -20.56 -13.07 -4.59
C THR A 1163 -21.01 -14.17 -5.51
N GLN A 1164 -21.77 -13.88 -6.56
CA GLN A 1164 -22.24 -14.93 -7.47
C GLN A 1164 -21.09 -15.57 -8.24
N ASP A 1165 -20.10 -14.78 -8.63
CA ASP A 1165 -19.01 -15.28 -9.46
C ASP A 1165 -17.85 -15.85 -8.65
N THR A 1166 -17.70 -15.42 -7.40
CA THR A 1166 -16.62 -15.93 -6.55
C THR A 1166 -16.75 -17.43 -6.36
N THR A 1167 -17.98 -17.92 -6.21
CA THR A 1167 -18.18 -19.35 -6.01
C THR A 1167 -17.68 -20.15 -7.20
N VAL A 1168 -18.09 -19.78 -8.42
CA VAL A 1168 -17.69 -20.55 -9.59
C VAL A 1168 -16.20 -20.41 -9.85
N ALA A 1169 -15.63 -19.22 -9.64
CA ALA A 1169 -14.20 -19.04 -9.89
C ALA A 1169 -13.37 -19.88 -8.92
N LEU A 1170 -13.70 -19.83 -7.63
CA LEU A 1170 -12.95 -20.63 -6.67
C LEU A 1170 -13.21 -22.12 -6.86
N LYS A 1171 -14.40 -22.49 -7.34
CA LYS A 1171 -14.65 -23.89 -7.64
C LYS A 1171 -13.76 -24.39 -8.77
N ALA A 1172 -13.62 -23.58 -9.82
CA ALA A 1172 -12.74 -23.97 -10.93
C ALA A 1172 -11.30 -24.07 -10.47
N LEU A 1173 -10.84 -23.11 -9.67
CA LEU A 1173 -9.47 -23.16 -9.17
C LEU A 1173 -9.25 -24.37 -8.27
N SER A 1174 -10.23 -24.69 -7.41
CA SER A 1174 -10.10 -25.87 -6.56
C SER A 1174 -10.09 -27.16 -7.37
N GLU A 1175 -10.91 -27.23 -8.42
CA GLU A 1175 -10.89 -28.41 -9.28
C GLU A 1175 -9.54 -28.56 -9.96
N PHE A 1176 -8.96 -27.44 -10.41
CA PHE A 1176 -7.62 -27.48 -10.97
C PHE A 1176 -6.61 -28.00 -9.95
N ALA A 1177 -6.66 -27.50 -8.72
CA ALA A 1177 -5.75 -27.98 -7.69
C ALA A 1177 -5.94 -29.46 -7.42
N ALA A 1178 -7.18 -29.94 -7.43
CA ALA A 1178 -7.47 -31.34 -7.17
C ALA A 1178 -7.02 -32.26 -8.29
N LEU A 1179 -7.07 -31.79 -9.54
CA LEU A 1179 -6.68 -32.66 -10.65
C LEU A 1179 -5.21 -33.04 -10.61
N MET A 1180 -4.36 -32.14 -10.09
CA MET A 1180 -2.91 -32.36 -9.95
C MET A 1180 -2.46 -32.00 -8.54
N ASN A 1181 -3.12 -32.58 -7.54
CA ASN A 1181 -2.86 -32.29 -6.14
C ASN A 1181 -1.63 -33.02 -5.57
N THR A 1182 -0.71 -33.51 -6.42
CA THR A 1182 0.49 -34.17 -5.93
C THR A 1182 1.33 -33.20 -5.11
N GLU A 1183 1.70 -33.62 -3.90
CA GLU A 1183 2.43 -32.76 -2.97
C GLU A 1183 3.94 -32.72 -3.23
N ARG A 1184 4.48 -33.66 -4.01
CA ARG A 1184 5.90 -33.73 -4.31
C ARG A 1184 6.14 -33.33 -5.76
N THR A 1185 7.21 -32.55 -5.98
CA THR A 1185 7.58 -32.10 -7.31
C THR A 1185 9.10 -32.15 -7.44
N ASN A 1186 9.57 -32.81 -8.49
CA ASN A 1186 10.99 -32.86 -8.82
C ASN A 1186 11.19 -32.76 -10.34
N ILE A 1187 10.43 -31.88 -10.97
CA ILE A 1187 10.36 -31.86 -12.43
C ILE A 1187 11.61 -31.20 -12.99
N GLN A 1188 12.13 -31.77 -14.08
CA GLN A 1188 13.18 -31.17 -14.89
C GLN A 1188 12.64 -30.99 -16.30
N VAL A 1189 12.64 -29.75 -16.77
CA VAL A 1189 12.13 -29.38 -18.09
C VAL A 1189 13.33 -29.06 -18.96
N THR A 1190 13.51 -29.83 -20.03
CA THR A 1190 14.57 -29.62 -21.00
C THR A 1190 13.95 -29.09 -22.29
N VAL A 1191 14.40 -27.92 -22.73
CA VAL A 1191 13.95 -27.28 -23.95
C VAL A 1191 15.06 -27.47 -24.97
N THR A 1192 14.72 -28.10 -26.10
CA THR A 1192 15.62 -28.34 -27.21
C THR A 1192 14.94 -27.91 -28.51
N GLY A 1193 15.69 -27.98 -29.61
CA GLY A 1193 15.18 -27.66 -30.92
C GLY A 1193 16.07 -26.70 -31.66
N PRO A 1194 15.65 -26.28 -32.86
CA PRO A 1194 16.48 -25.33 -33.62
C PRO A 1194 16.69 -24.00 -32.92
N SER A 1195 15.69 -23.52 -32.16
CA SER A 1195 15.82 -22.27 -31.43
C SER A 1195 16.70 -22.40 -30.19
N SER A 1196 16.95 -23.62 -29.72
CA SER A 1196 17.75 -23.89 -28.52
C SER A 1196 18.83 -24.89 -28.89
N PRO A 1197 19.94 -24.43 -29.51
CA PRO A 1197 21.05 -25.37 -29.78
C PRO A 1197 21.60 -25.99 -28.51
N SER A 1198 21.64 -25.25 -27.41
CA SER A 1198 21.98 -25.79 -26.10
C SER A 1198 20.71 -26.22 -25.38
N PRO A 1199 20.62 -27.37 -24.71
CA PRO A 1199 19.39 -27.71 -23.99
C PRO A 1199 19.23 -26.80 -22.77
N VAL A 1200 18.14 -26.03 -22.76
CA VAL A 1200 17.86 -25.13 -21.64
C VAL A 1200 17.11 -25.92 -20.58
N LYS A 1201 17.66 -25.97 -19.37
CA LYS A 1201 17.16 -26.82 -18.29
C LYS A 1201 16.57 -25.96 -17.18
N PHE A 1202 15.32 -26.26 -16.82
CA PHE A 1202 14.66 -25.69 -15.65
C PHE A 1202 14.38 -26.80 -14.65
N LEU A 1203 14.52 -26.49 -13.37
CA LEU A 1203 14.22 -27.40 -12.28
C LEU A 1203 13.10 -26.80 -11.43
N ILE A 1204 12.04 -27.56 -11.23
CA ILE A 1204 10.87 -27.12 -10.48
C ILE A 1204 10.66 -28.10 -9.34
N ASP A 1205 10.58 -27.59 -8.12
CA ASP A 1205 10.32 -28.39 -6.94
C ASP A 1205 9.39 -27.61 -6.03
N THR A 1206 9.19 -28.10 -4.80
CA THR A 1206 8.25 -27.48 -3.89
C THR A 1206 8.69 -26.09 -3.45
N HIS A 1207 9.97 -25.77 -3.54
CA HIS A 1207 10.45 -24.46 -3.12
C HIS A 1207 10.15 -23.40 -4.16
N ASN A 1208 10.53 -23.64 -5.41
CA ASN A 1208 10.41 -22.67 -6.49
C ASN A 1208 9.26 -23.02 -7.43
N ARG A 1209 8.16 -23.54 -6.87
CA ARG A 1209 7.01 -23.89 -7.70
C ARG A 1209 6.39 -22.65 -8.31
N LEU A 1210 6.30 -21.56 -7.55
CA LEU A 1210 5.73 -20.32 -8.06
C LEU A 1210 6.71 -19.50 -8.88
N LEU A 1211 8.00 -19.83 -8.85
CA LEU A 1211 9.01 -19.01 -9.52
C LEU A 1211 8.82 -19.10 -11.03
N LEU A 1212 8.50 -17.97 -11.66
CA LEU A 1212 8.35 -17.91 -13.11
C LEU A 1212 9.74 -17.94 -13.72
N GLN A 1213 10.28 -19.14 -13.86
CA GLN A 1213 11.60 -19.28 -14.47
C GLN A 1213 11.49 -18.92 -15.95
N THR A 1214 12.53 -18.30 -16.49
CA THR A 1214 12.49 -17.75 -17.83
C THR A 1214 13.81 -17.99 -18.55
N ALA A 1215 13.73 -17.95 -19.89
CA ALA A 1215 14.92 -18.04 -20.73
C ALA A 1215 14.60 -17.41 -22.07
N GLU A 1216 15.66 -17.00 -22.77
CA GLU A 1216 15.57 -16.38 -24.08
C GLU A 1216 16.19 -17.29 -25.12
N LEU A 1217 15.56 -17.36 -26.29
CA LEU A 1217 15.99 -18.24 -27.39
C LEU A 1217 16.35 -17.40 -28.60
N ALA A 1218 17.08 -18.01 -29.51
CA ALA A 1218 17.51 -17.33 -30.72
C ALA A 1218 16.33 -17.20 -31.69
N VAL A 1219 16.53 -16.35 -32.71
CA VAL A 1219 15.52 -16.09 -33.73
C VAL A 1219 15.77 -17.03 -34.90
N VAL A 1220 14.76 -17.81 -35.26
CA VAL A 1220 14.83 -18.71 -36.41
C VAL A 1220 13.42 -18.91 -36.94
N GLN A 1221 13.29 -18.85 -38.26
CA GLN A 1221 12.01 -18.96 -38.95
C GLN A 1221 11.89 -20.34 -39.59
N PRO A 1222 10.98 -21.24 -39.17
CA PRO A 1222 9.97 -21.14 -38.11
C PRO A 1222 10.57 -21.36 -36.72
N THR A 1223 9.99 -20.74 -35.71
CA THR A 1223 10.45 -20.87 -34.33
C THR A 1223 9.71 -22.03 -33.70
N ALA A 1224 10.40 -23.16 -33.53
CA ALA A 1224 9.81 -24.38 -33.00
C ALA A 1224 10.74 -24.99 -31.96
N VAL A 1225 10.17 -25.49 -30.87
CA VAL A 1225 10.94 -26.10 -29.78
C VAL A 1225 10.23 -27.34 -29.27
N ASN A 1226 11.04 -28.34 -28.92
CA ASN A 1226 10.61 -29.46 -28.09
C ASN A 1226 10.79 -29.08 -26.62
N ILE A 1227 9.78 -29.41 -25.82
CA ILE A 1227 9.82 -29.26 -24.37
C ILE A 1227 9.57 -30.63 -23.78
N SER A 1228 10.58 -31.20 -23.12
CA SER A 1228 10.52 -32.54 -22.56
C SER A 1228 10.63 -32.42 -21.04
N ALA A 1229 9.57 -32.80 -20.35
CA ALA A 1229 9.52 -32.79 -18.89
C ALA A 1229 9.72 -34.21 -18.37
N ASN A 1230 10.60 -34.36 -17.39
CA ASN A 1230 10.85 -35.64 -16.74
C ASN A 1230 10.83 -35.45 -15.23
N GLY A 1231 10.13 -36.33 -14.53
CA GLY A 1231 10.05 -36.26 -13.08
C GLY A 1231 8.72 -36.70 -12.52
N PHE A 1232 8.10 -35.83 -11.72
CA PHE A 1232 6.85 -36.17 -11.05
C PHE A 1232 6.15 -34.88 -10.66
N GLY A 1233 4.85 -34.77 -11.00
CA GLY A 1233 4.05 -33.61 -10.66
C GLY A 1233 3.41 -32.97 -11.88
N PHE A 1234 3.53 -31.65 -12.00
CA PHE A 1234 3.05 -30.96 -13.19
C PHE A 1234 3.78 -29.65 -13.34
N ALA A 1235 3.89 -29.19 -14.59
CA ALA A 1235 4.50 -27.92 -14.91
C ALA A 1235 3.71 -27.28 -16.04
N ILE A 1236 3.84 -25.96 -16.15
CA ILE A 1236 3.20 -25.17 -17.20
C ILE A 1236 4.27 -24.39 -17.91
N CYS A 1237 4.41 -24.61 -19.22
CA CYS A 1237 5.44 -23.99 -20.04
C CYS A 1237 4.79 -23.11 -21.08
N GLN A 1238 5.26 -21.88 -21.20
CA GLN A 1238 4.65 -20.86 -22.05
C GLN A 1238 5.71 -20.27 -22.95
N LEU A 1239 5.45 -20.28 -24.26
CA LEU A 1239 6.32 -19.67 -25.25
C LEU A 1239 5.70 -18.36 -25.70
N ASN A 1240 6.47 -17.27 -25.54
CA ASN A 1240 6.05 -15.92 -25.94
C ASN A 1240 6.94 -15.45 -27.08
N VAL A 1241 6.33 -14.86 -28.11
CA VAL A 1241 7.03 -14.33 -29.26
C VAL A 1241 6.55 -12.91 -29.48
N VAL A 1242 7.48 -11.96 -29.47
CA VAL A 1242 7.19 -10.55 -29.68
C VAL A 1242 7.89 -10.10 -30.94
N TYR A 1243 7.16 -9.41 -31.82
CA TYR A 1243 7.73 -8.96 -33.08
C TYR A 1243 7.05 -7.66 -33.49
N ASN A 1244 7.48 -7.11 -34.62
CA ASN A 1244 6.94 -5.88 -35.18
C ASN A 1244 6.54 -6.12 -36.62
N VAL A 1245 5.40 -5.54 -37.00
CA VAL A 1245 4.87 -5.66 -38.35
C VAL A 1245 4.93 -4.28 -39.01
N LYS A 1246 4.92 -4.27 -40.34
CA LYS A 1246 5.01 -3.04 -41.10
C LYS A 1246 3.66 -2.35 -41.21
C1 NAG B . 11.41 -8.22 28.88
C2 NAG B . 12.51 -7.46 28.11
C3 NAG B . 13.78 -8.31 28.03
C4 NAG B . 14.19 -8.80 29.41
C5 NAG B . 13.04 -9.52 30.09
C6 NAG B . 13.33 -9.93 31.51
C7 NAG B . 12.26 -5.88 26.24
C8 NAG B . 11.73 -5.70 24.86
N2 NAG B . 12.07 -7.09 26.78
O3 NAG B . 14.83 -7.54 27.45
O4 NAG B . 15.30 -9.69 29.31
O5 NAG B . 11.90 -8.64 30.15
O6 NAG B . 12.50 -9.27 32.44
O7 NAG B . 12.83 -4.98 26.85
C1 NAG C . -13.44 -7.94 38.35
C2 NAG C . -14.69 -7.08 38.29
C3 NAG C . -15.20 -6.80 39.69
C4 NAG C . -15.42 -8.10 40.45
C5 NAG C . -14.13 -8.93 40.42
C6 NAG C . -14.31 -10.30 41.05
C7 NAG C . -14.67 -5.65 36.28
C8 NAG C . -14.34 -4.30 35.73
N2 NAG C . -14.42 -5.83 37.59
O3 NAG C . -16.44 -6.08 39.61
O4 NAG C . -15.76 -7.83 41.80
O5 NAG C . -13.72 -9.15 39.07
O6 NAG C . -15.40 -11.00 40.45
O7 NAG C . -15.13 -6.54 35.58
C1 NAG D . 11.64 -32.66 -31.60
C2 NAG D . 12.52 -32.17 -32.74
C3 NAG D . 12.27 -32.99 -34.00
C4 NAG D . 12.44 -34.48 -33.71
C5 NAG D . 11.57 -34.89 -32.52
C6 NAG D . 11.79 -36.31 -32.10
C7 NAG D . 11.10 -30.22 -33.28
C8 NAG D . 11.08 -28.75 -33.51
N2 NAG D . 12.30 -30.75 -33.00
O3 NAG D . 13.16 -32.59 -35.02
O4 NAG D . 12.09 -35.25 -34.85
O5 NAG D . 11.88 -34.07 -31.39
O6 NAG D . 11.74 -37.20 -33.21
O7 NAG D . 10.09 -30.91 -33.35
C1 NAG E . -5.62 33.25 34.21
C2 NAG E . -4.37 33.78 34.94
C3 NAG E . -4.59 35.24 35.30
C4 NAG E . -4.92 36.06 34.06
C5 NAG E . -6.14 35.45 33.37
C6 NAG E . -6.46 36.12 32.07
C7 NAG E . -3.75 31.78 36.28
C8 NAG E . -4.18 31.15 37.57
N2 NAG E . -4.01 33.08 36.16
O3 NAG E . -3.42 35.74 35.94
O4 NAG E . -5.22 37.38 34.45
O5 NAG E . -5.90 34.06 33.08
O6 NAG E . -5.39 35.94 31.13
O7 NAG E . -3.18 31.13 35.41
C1 NAG F . -9.61 47.59 22.87
C2 NAG F . -11.15 47.77 22.81
C3 NAG F . -11.36 49.30 22.83
C4 NAG F . -10.59 50.04 23.93
C5 NAG F . -9.16 49.49 24.12
C6 NAG F . -8.46 49.93 25.38
C7 NAG F . -13.13 46.88 21.69
C8 NAG F . -13.66 46.44 20.35
N2 NAG F . -11.85 47.29 21.65
O3 NAG F . -12.73 49.58 22.95
O4 NAG F . -10.55 51.38 23.50
O5 NAG F . -9.19 48.07 24.12
O6 NAG F . -7.21 49.30 25.44
O7 NAG F . -13.83 46.87 22.70
#